data_3CT4
#
_entry.id   3CT4
#
_cell.length_a   107.802
_cell.length_b   107.802
_cell.length_c   142.900
_cell.angle_alpha   90.000
_cell.angle_beta   90.000
_cell.angle_gamma   120.000
#
_symmetry.space_group_name_H-M   'P 31 2 1'
#
loop_
_entity.id
_entity.type
_entity.pdbx_description
1 polymer 'PTS-dependent dihydroxyacetone kinase, dihydroxyacetone-binding subunit dhaK'
2 non-polymer Dihydroxyacetone
3 water water
#
_entity_poly.entity_id   1
_entity_poly.type   'polypeptide(L)'
_entity_poly.pdbx_seq_one_letter_code
;MSDEKIINQPQDVVSEMLDGLTYAYGDLIEKVPDFEIIQRKSPKSGKVALVSGGGSGHEPAHAGFVGEGMLSAAVCGAIF
TSPTPDQIYEAIKSADEGAGVLLIIKNYLGDVMNFEMAREMAEMEEIKVEQIIVDDDIAVENSLYTQGRRGVAGTVLVHK
ILGAAAHQEASLDEIKDLADKVVKNIKTIGLALSAATVPEVGKPGFVLDDNEIEYGVGIHSEPGYRREKMKTSYELATEL
VGKLKEEFKFEAGQKYGILVNGMGATPLMEQFIFMNDVAKLLTEENIEILFKKVGNYMTSIDMAGLSLTMIKLEDDQWLK
NLNEDVKTISWG
;
_entity_poly.pdbx_strand_id   A,B,C
#
# COMPACT_ATOMS: atom_id res chain seq x y z
N GLU A 4 32.00 17.45 -30.09
CA GLU A 4 31.32 16.56 -29.16
C GLU A 4 32.26 15.98 -28.12
N LYS A 5 33.28 15.24 -28.55
CA LYS A 5 34.13 14.51 -27.61
C LYS A 5 35.60 14.89 -27.67
N ILE A 6 36.24 14.85 -26.51
CA ILE A 6 37.70 14.98 -26.42
C ILE A 6 38.27 13.58 -26.37
N ILE A 7 38.63 13.06 -27.55
CA ILE A 7 39.19 11.71 -27.64
C ILE A 7 40.23 11.69 -28.74
N ASN A 8 40.89 10.56 -28.88
CA ASN A 8 41.76 10.35 -30.02
C ASN A 8 41.09 9.36 -30.96
N GLN A 9 41.73 8.23 -31.24
CA GLN A 9 41.08 7.20 -32.03
C GLN A 9 40.06 6.44 -31.20
N PRO A 10 38.80 6.44 -31.65
CA PRO A 10 37.64 5.85 -30.95
C PRO A 10 37.89 4.45 -30.39
N GLN A 11 38.76 3.68 -31.03
CA GLN A 11 39.03 2.32 -30.57
C GLN A 11 40.13 2.28 -29.50
N ASP A 12 40.67 3.44 -29.17
CA ASP A 12 41.73 3.55 -28.18
C ASP A 12 41.27 4.14 -26.85
N VAL A 13 40.00 4.52 -26.77
CA VAL A 13 39.52 5.29 -25.62
C VAL A 13 39.75 4.59 -24.28
N VAL A 14 39.51 3.28 -24.24
CA VAL A 14 39.65 2.54 -22.99
C VAL A 14 41.10 2.45 -22.53
N SER A 15 42.01 2.13 -23.46
CA SER A 15 43.42 1.99 -23.11
C SER A 15 44.04 3.34 -22.76
N GLU A 16 43.74 4.36 -23.55
CA GLU A 16 44.26 5.69 -23.30
C GLU A 16 43.76 6.25 -21.96
N MET A 17 42.50 5.99 -21.66
CA MET A 17 41.91 6.40 -20.39
C MET A 17 42.60 5.76 -19.19
N LEU A 18 42.78 4.43 -19.28
CA LEU A 18 43.39 3.68 -18.20
C LEU A 18 44.85 4.11 -17.98
N ASP A 19 45.51 4.48 -19.07
CA ASP A 19 46.88 5.01 -18.97
C ASP A 19 46.87 6.38 -18.31
N GLY A 20 45.86 7.19 -18.63
CA GLY A 20 45.67 8.47 -17.98
C GLY A 20 45.36 8.28 -16.50
N LEU A 21 44.54 7.28 -16.20
CA LEU A 21 44.16 6.96 -14.83
C LEU A 21 45.36 6.56 -13.97
N THR A 22 46.18 5.63 -14.47
CA THR A 22 47.34 5.17 -13.69
C THR A 22 48.43 6.23 -13.55
N TYR A 23 48.59 7.06 -14.58
CA TYR A 23 49.53 8.16 -14.52
C TYR A 23 49.15 9.09 -13.39
N ALA A 24 47.86 9.41 -13.33
CA ALA A 24 47.36 10.38 -12.38
C ALA A 24 47.34 9.81 -10.96
N TYR A 25 46.94 8.54 -10.83
CA TYR A 25 46.71 7.98 -9.51
C TYR A 25 47.49 6.69 -9.21
N GLY A 26 48.81 6.68 -9.45
CA GLY A 26 49.69 5.62 -8.99
C GLY A 26 49.37 5.29 -7.54
N ASP A 27 48.57 4.24 -7.37
CA ASP A 27 47.84 3.93 -6.14
C ASP A 27 46.87 2.86 -6.60
N LEU A 28 46.71 2.84 -7.92
CA LEU A 28 46.12 1.75 -8.65
C LEU A 28 47.19 1.36 -9.65
N ILE A 29 47.04 0.20 -10.28
CA ILE A 29 47.95 -0.19 -11.35
C ILE A 29 47.15 -0.89 -12.43
N GLU A 30 47.63 -0.82 -13.66
CA GLU A 30 47.04 -1.61 -14.72
C GLU A 30 47.84 -2.90 -14.83
N LYS A 31 47.15 -4.02 -14.75
CA LYS A 31 47.78 -5.33 -14.91
C LYS A 31 48.53 -5.40 -16.23
N VAL A 32 49.75 -5.92 -16.16
CA VAL A 32 50.62 -6.16 -17.31
C VAL A 32 49.95 -5.73 -18.60
N PRO A 33 50.38 -4.57 -19.14
CA PRO A 33 49.86 -3.77 -20.27
C PRO A 33 49.26 -4.60 -21.39
N ASP A 34 48.53 -5.64 -21.02
CA ASP A 34 47.90 -6.54 -21.95
C ASP A 34 46.46 -6.70 -21.52
N PHE A 35 46.16 -6.22 -20.31
CA PHE A 35 44.81 -6.32 -19.76
C PHE A 35 44.24 -4.99 -19.29
N GLU A 36 42.95 -4.79 -19.56
CA GLU A 36 42.25 -3.60 -19.09
C GLU A 36 41.66 -3.87 -17.71
N ILE A 37 42.55 -4.09 -16.76
CA ILE A 37 42.19 -4.33 -15.39
C ILE A 37 42.91 -3.35 -14.50
N ILE A 38 42.16 -2.70 -13.62
CA ILE A 38 42.73 -1.77 -12.67
C ILE A 38 42.68 -2.40 -11.28
N GLN A 39 43.86 -2.59 -10.70
CA GLN A 39 43.97 -3.25 -9.42
C GLN A 39 44.55 -2.31 -8.39
N ARG A 40 44.16 -2.47 -7.14
CA ARG A 40 44.66 -1.64 -6.06
C ARG A 40 46.10 -1.99 -5.70
N LYS A 41 46.90 -0.97 -5.42
CA LYS A 41 48.28 -1.17 -5.00
C LYS A 41 48.40 -1.61 -3.54
N SER A 42 47.30 -1.51 -2.81
CA SER A 42 47.26 -1.90 -1.41
C SER A 42 47.75 -3.34 -1.24
N PRO A 43 48.77 -3.53 -0.37
CA PRO A 43 49.41 -4.83 -0.23
C PRO A 43 48.42 -5.92 0.16
N LYS A 44 48.56 -7.09 -0.45
CA LYS A 44 47.70 -8.23 -0.12
C LYS A 44 47.94 -8.64 1.32
N SER A 45 46.87 -9.06 1.99
CA SER A 45 46.96 -9.42 3.41
C SER A 45 45.85 -10.38 3.83
N GLY A 46 45.56 -11.37 2.99
CA GLY A 46 44.61 -12.41 3.33
C GLY A 46 43.17 -11.97 3.49
N LYS A 47 42.82 -10.84 2.86
CA LYS A 47 41.45 -10.36 2.85
C LYS A 47 40.73 -10.97 1.66
N VAL A 48 39.43 -11.22 1.81
CA VAL A 48 38.61 -11.60 0.66
C VAL A 48 38.76 -10.52 -0.40
N ALA A 49 39.00 -10.92 -1.65
CA ALA A 49 39.14 -9.94 -2.71
C ALA A 49 37.82 -9.72 -3.44
N LEU A 50 37.51 -8.46 -3.71
CA LEU A 50 36.29 -8.08 -4.41
C LEU A 50 36.66 -7.69 -5.82
N VAL A 51 35.96 -8.25 -6.80
CA VAL A 51 36.23 -7.92 -8.18
C VAL A 51 34.95 -7.53 -8.86
N SER A 52 34.97 -6.43 -9.58
CA SER A 52 33.81 -6.00 -10.34
C SER A 52 34.25 -5.43 -11.69
N GLY A 53 33.31 -4.87 -12.41
CA GLY A 53 33.60 -4.33 -13.71
C GLY A 53 32.37 -4.32 -14.60
N GLY A 54 32.59 -4.04 -15.87
CA GLY A 54 31.50 -3.93 -16.82
C GLY A 54 31.99 -3.13 -17.99
N GLY A 55 31.07 -2.55 -18.74
CA GLY A 55 31.45 -1.72 -19.86
C GLY A 55 32.13 -0.46 -19.38
N SER A 56 32.94 0.12 -20.26
CA SER A 56 33.44 1.47 -20.03
C SER A 56 32.33 2.44 -20.38
N GLY A 57 32.47 3.69 -19.96
CA GLY A 57 31.43 4.69 -20.19
C GLY A 57 30.59 5.01 -18.96
N HIS A 58 30.89 4.36 -17.84
CA HIS A 58 30.17 4.62 -16.60
C HIS A 58 31.08 5.21 -15.52
N GLU A 59 32.25 5.68 -15.92
CA GLU A 59 33.22 6.23 -14.98
C GLU A 59 32.56 7.27 -14.06
N PRO A 60 32.92 7.27 -12.77
CA PRO A 60 34.04 6.49 -12.21
C PRO A 60 33.69 5.04 -11.89
N ALA A 61 32.51 4.57 -12.27
CA ALA A 61 32.06 3.25 -11.86
C ALA A 61 33.13 2.19 -12.06
N HIS A 62 33.47 1.56 -10.94
CA HIS A 62 34.39 0.43 -10.89
C HIS A 62 35.85 0.84 -10.72
N ALA A 63 36.49 1.39 -11.75
CA ALA A 63 37.90 1.73 -11.60
C ALA A 63 38.12 2.75 -10.47
N GLY A 64 37.19 3.69 -10.33
CA GLY A 64 37.31 4.72 -9.30
C GLY A 64 37.04 4.21 -7.89
N PHE A 65 36.54 2.99 -7.77
CA PHE A 65 36.23 2.41 -6.47
C PHE A 65 37.16 1.25 -6.17
N VAL A 66 38.31 1.26 -6.84
CA VAL A 66 39.36 0.29 -6.57
C VAL A 66 40.32 0.83 -5.53
N GLY A 67 40.35 0.19 -4.36
CA GLY A 67 41.26 0.61 -3.31
C GLY A 67 41.00 -0.13 -2.02
N GLU A 68 41.84 0.12 -1.04
CA GLU A 68 41.66 -0.46 0.29
C GLU A 68 40.28 -0.05 0.81
N GLY A 69 39.52 -1.03 1.29
CA GLY A 69 38.19 -0.77 1.79
C GLY A 69 37.09 -0.99 0.77
N MET A 70 37.45 -1.03 -0.51
CA MET A 70 36.47 -1.37 -1.55
C MET A 70 36.98 -2.49 -2.46
N LEU A 71 36.95 -2.25 -3.77
CA LEU A 71 37.32 -3.29 -4.74
C LEU A 71 38.80 -3.59 -4.80
N SER A 72 39.14 -4.84 -5.08
CA SER A 72 40.53 -5.23 -5.33
C SER A 72 40.92 -4.88 -6.76
N ALA A 73 40.02 -5.14 -7.69
CA ALA A 73 40.26 -4.87 -9.09
C ALA A 73 38.99 -4.58 -9.86
N ALA A 74 39.11 -3.81 -10.94
CA ALA A 74 37.97 -3.56 -11.79
C ALA A 74 38.33 -3.91 -13.21
N VAL A 75 37.45 -4.67 -13.87
CA VAL A 75 37.71 -5.14 -15.21
C VAL A 75 36.92 -4.30 -16.20
N CYS A 76 37.63 -3.53 -17.01
CA CYS A 76 36.99 -2.55 -17.87
C CYS A 76 36.82 -3.07 -19.30
N GLY A 77 35.56 -3.17 -19.73
CA GLY A 77 35.27 -3.65 -21.08
C GLY A 77 35.35 -2.54 -22.09
N ALA A 78 34.94 -2.84 -23.32
CA ALA A 78 34.80 -1.79 -24.32
C ALA A 78 33.63 -0.93 -23.89
N ILE A 79 33.43 0.20 -24.55
CA ILE A 79 32.33 1.11 -24.22
C ILE A 79 30.98 0.40 -24.16
N PHE A 80 30.30 0.50 -23.03
CA PHE A 80 28.99 -0.14 -22.85
C PHE A 80 29.01 -1.63 -23.15
N THR A 81 30.16 -2.27 -22.99
CA THR A 81 30.28 -3.69 -23.29
C THR A 81 30.96 -4.43 -22.16
N SER A 82 30.37 -5.56 -21.78
CA SER A 82 30.95 -6.35 -20.71
C SER A 82 32.38 -6.77 -21.05
N PRO A 83 33.25 -6.87 -20.05
CA PRO A 83 34.60 -7.42 -20.26
C PRO A 83 34.51 -8.87 -20.72
N THR A 84 35.53 -9.35 -21.41
CA THR A 84 35.59 -10.75 -21.83
C THR A 84 36.04 -11.65 -20.68
N PRO A 85 35.63 -12.93 -20.72
CA PRO A 85 35.86 -13.85 -19.59
C PRO A 85 37.34 -14.01 -19.27
N ASP A 86 38.21 -13.92 -20.27
CA ASP A 86 39.66 -14.02 -20.04
C ASP A 86 40.18 -12.84 -19.22
N GLN A 87 39.72 -11.63 -19.56
CA GLN A 87 40.09 -10.45 -18.81
C GLN A 87 39.66 -10.62 -17.36
N ILE A 88 38.42 -11.04 -17.16
CA ILE A 88 37.87 -11.21 -15.83
C ILE A 88 38.62 -12.32 -15.09
N TYR A 89 38.86 -13.43 -15.78
CA TYR A 89 39.61 -14.54 -15.21
C TYR A 89 40.97 -14.08 -14.73
N GLU A 90 41.64 -13.27 -15.53
CA GLU A 90 42.96 -12.76 -15.16
C GLU A 90 42.87 -11.90 -13.92
N ALA A 91 41.79 -11.14 -13.79
CA ALA A 91 41.62 -10.28 -12.64
C ALA A 91 41.32 -11.11 -11.40
N ILE A 92 40.57 -12.19 -11.56
CA ILE A 92 40.28 -13.05 -10.43
C ILE A 92 41.56 -13.62 -9.84
N LYS A 93 42.41 -14.22 -10.68
CA LYS A 93 43.59 -14.90 -10.15
C LYS A 93 44.68 -13.95 -9.69
N SER A 94 44.65 -12.73 -10.20
CA SER A 94 45.60 -11.69 -9.79
C SER A 94 45.17 -10.95 -8.51
N ALA A 95 43.88 -11.02 -8.18
CA ALA A 95 43.34 -10.28 -7.05
C ALA A 95 43.30 -11.12 -5.78
N ASP A 96 43.25 -12.43 -5.97
CA ASP A 96 43.14 -13.36 -4.85
C ASP A 96 44.26 -13.14 -3.84
N GLU A 97 43.90 -13.18 -2.56
CA GLU A 97 44.87 -12.96 -1.50
C GLU A 97 44.99 -14.21 -0.65
N GLY A 98 44.26 -15.25 -1.04
CA GLY A 98 44.32 -16.51 -0.33
C GLY A 98 43.04 -16.79 0.43
N ALA A 99 42.12 -15.82 0.41
CA ALA A 99 40.87 -15.94 1.13
C ALA A 99 39.68 -16.10 0.17
N GLY A 100 39.96 -16.02 -1.12
CA GLY A 100 38.91 -16.14 -2.11
C GLY A 100 38.47 -14.82 -2.71
N VAL A 101 37.60 -14.91 -3.71
CA VAL A 101 37.19 -13.76 -4.50
C VAL A 101 35.68 -13.70 -4.62
N LEU A 102 35.11 -12.53 -4.38
CA LEU A 102 33.69 -12.32 -4.62
C LEU A 102 33.49 -11.48 -5.87
N LEU A 103 32.69 -11.99 -6.81
CA LEU A 103 32.36 -11.23 -8.00
C LEU A 103 31.14 -10.36 -7.73
N ILE A 104 31.28 -9.07 -7.98
CA ILE A 104 30.14 -8.17 -7.91
C ILE A 104 29.73 -7.83 -9.33
N ILE A 105 28.59 -8.36 -9.75
CA ILE A 105 28.18 -8.29 -11.13
C ILE A 105 26.88 -7.51 -11.29
N LYS A 106 26.86 -6.54 -12.19
CA LYS A 106 25.64 -5.81 -12.49
C LYS A 106 24.76 -6.64 -13.39
N ASN A 107 23.46 -6.71 -13.09
CA ASN A 107 22.57 -7.59 -13.82
C ASN A 107 22.28 -7.15 -15.26
N TYR A 108 23.05 -7.69 -16.20
CA TYR A 108 22.83 -7.53 -17.63
C TYR A 108 23.22 -8.85 -18.30
N LEU A 109 22.55 -9.18 -19.40
CA LEU A 109 22.80 -10.45 -20.07
C LEU A 109 24.29 -10.70 -20.28
N GLY A 110 24.98 -9.76 -20.89
CA GLY A 110 26.40 -9.86 -21.15
C GLY A 110 27.30 -9.96 -19.93
N ASP A 111 27.18 -9.00 -19.01
CA ASP A 111 27.99 -9.02 -17.79
C ASP A 111 27.90 -10.35 -17.05
N VAL A 112 26.67 -10.84 -16.85
CA VAL A 112 26.45 -12.05 -16.06
C VAL A 112 27.01 -13.28 -16.77
N MET A 113 26.79 -13.35 -18.07
CA MET A 113 27.32 -14.41 -18.90
C MET A 113 28.83 -14.51 -18.72
N ASN A 114 29.50 -13.37 -18.91
CA ASN A 114 30.95 -13.24 -18.88
C ASN A 114 31.60 -13.49 -17.54
N PHE A 115 31.10 -12.83 -16.50
CA PHE A 115 31.65 -12.99 -15.16
C PHE A 115 31.50 -14.44 -14.67
N GLU A 116 30.36 -15.06 -14.96
CA GLU A 116 30.12 -16.41 -14.51
C GLU A 116 31.01 -17.40 -15.22
N MET A 117 31.29 -17.14 -16.49
CA MET A 117 32.23 -17.98 -17.23
C MET A 117 33.60 -17.80 -16.60
N ALA A 118 34.01 -16.56 -16.41
CA ALA A 118 35.27 -16.27 -15.77
C ALA A 118 35.35 -17.01 -14.43
N ARG A 119 34.25 -16.97 -13.68
CA ARG A 119 34.21 -17.67 -12.42
C ARG A 119 34.55 -19.14 -12.59
N GLU A 120 33.86 -19.80 -13.53
CA GLU A 120 34.11 -21.20 -13.83
C GLU A 120 35.59 -21.46 -14.17
N MET A 121 36.12 -20.66 -15.07
CA MET A 121 37.55 -20.72 -15.41
C MET A 121 38.40 -20.67 -14.15
N ALA A 122 38.15 -19.69 -13.29
CA ALA A 122 38.95 -19.49 -12.08
C ALA A 122 38.80 -20.64 -11.10
N GLU A 123 37.63 -21.28 -11.10
CA GLU A 123 37.39 -22.41 -10.20
C GLU A 123 38.13 -23.68 -10.64
N MET A 124 38.34 -23.82 -11.95
CA MET A 124 39.12 -24.94 -12.48
C MET A 124 40.59 -24.84 -12.06
N GLU A 125 41.00 -23.63 -11.66
CA GLU A 125 42.35 -23.41 -11.15
C GLU A 125 42.32 -23.44 -9.63
N GLU A 126 41.22 -23.96 -9.08
CA GLU A 126 41.05 -24.16 -7.64
C GLU A 126 40.94 -22.86 -6.84
N ILE A 127 40.55 -21.78 -7.50
CA ILE A 127 40.29 -20.53 -6.80
C ILE A 127 38.86 -20.53 -6.26
N LYS A 128 38.73 -20.17 -4.99
CA LYS A 128 37.44 -20.11 -4.34
C LYS A 128 36.76 -18.77 -4.70
N VAL A 129 35.65 -18.84 -5.41
CA VAL A 129 34.94 -17.63 -5.79
C VAL A 129 33.41 -17.70 -5.57
N GLU A 130 32.86 -16.64 -4.99
CA GLU A 130 31.41 -16.51 -4.89
C GLU A 130 30.97 -15.35 -5.76
N GLN A 131 29.66 -15.18 -5.91
CA GLN A 131 29.17 -14.06 -6.71
C GLN A 131 27.94 -13.40 -6.11
N ILE A 132 27.75 -12.13 -6.46
CA ILE A 132 26.53 -11.43 -6.16
C ILE A 132 26.11 -10.64 -7.39
N ILE A 133 24.86 -10.82 -7.79
CA ILE A 133 24.32 -10.09 -8.94
C ILE A 133 23.44 -8.95 -8.44
N VAL A 134 23.77 -7.74 -8.85
CA VAL A 134 23.05 -6.56 -8.40
C VAL A 134 21.97 -6.18 -9.40
N ASP A 135 20.72 -6.24 -8.94
CA ASP A 135 19.55 -5.97 -9.77
C ASP A 135 18.66 -4.91 -9.13
N ASP A 136 19.21 -3.72 -8.88
CA ASP A 136 18.51 -2.70 -8.09
C ASP A 136 17.53 -1.82 -8.89
N ASP A 137 17.67 -1.78 -10.21
CA ASP A 137 16.84 -0.92 -11.07
C ASP A 137 15.41 -1.42 -11.15
N ILE A 138 14.49 -0.68 -10.53
CA ILE A 138 13.10 -1.07 -10.50
C ILE A 138 12.32 -0.48 -11.67
N ALA A 139 13.03 0.12 -12.63
CA ALA A 139 12.39 0.81 -13.76
C ALA A 139 11.42 -0.05 -14.57
N VAL A 140 11.91 -1.05 -15.31
CA VAL A 140 10.94 -1.93 -15.99
C VAL A 140 11.41 -3.28 -16.56
N GLU A 141 11.66 -4.19 -15.62
CA GLU A 141 11.67 -5.65 -15.81
C GLU A 141 12.06 -6.22 -17.17
N ASN A 142 13.11 -7.02 -17.19
CA ASN A 142 13.51 -7.71 -18.41
C ASN A 142 13.70 -6.75 -19.56
N SER A 143 14.42 -5.67 -19.29
CA SER A 143 14.78 -4.70 -20.31
C SER A 143 15.62 -5.40 -21.36
N LEU A 144 15.19 -5.29 -22.62
CA LEU A 144 15.84 -6.00 -23.72
C LEU A 144 15.99 -7.50 -23.39
N TYR A 145 17.19 -7.93 -23.02
CA TYR A 145 17.40 -9.32 -22.60
C TYR A 145 17.92 -9.48 -21.17
N THR A 146 18.21 -8.37 -20.48
CA THR A 146 18.47 -8.43 -19.04
C THR A 146 17.41 -9.34 -18.46
N GLN A 147 17.83 -10.35 -17.71
CA GLN A 147 16.90 -11.24 -17.05
C GLN A 147 16.55 -10.72 -15.66
N GLY A 148 15.43 -10.01 -15.57
CA GLY A 148 15.05 -9.37 -14.33
C GLY A 148 15.40 -7.90 -14.37
N ARG A 149 15.88 -7.40 -13.24
CA ARG A 149 16.13 -5.98 -13.11
C ARG A 149 17.58 -5.63 -13.38
N ARG A 150 17.78 -4.53 -14.10
CA ARG A 150 19.11 -4.06 -14.42
C ARG A 150 19.88 -3.63 -13.17
N GLY A 151 21.19 -3.80 -13.19
CA GLY A 151 22.05 -3.38 -12.10
C GLY A 151 22.60 -2.01 -12.37
N VAL A 152 22.34 -1.06 -11.47
CA VAL A 152 22.76 0.32 -11.68
C VAL A 152 23.50 0.93 -10.50
N ALA A 153 23.30 2.22 -10.27
CA ALA A 153 24.11 2.98 -9.32
C ALA A 153 24.23 2.37 -7.92
N GLY A 154 23.18 1.69 -7.46
CA GLY A 154 23.20 1.01 -6.18
C GLY A 154 24.37 0.05 -6.03
N THR A 155 24.90 -0.42 -7.15
CA THR A 155 26.08 -1.26 -7.15
C THR A 155 27.19 -0.62 -6.34
N VAL A 156 27.33 0.70 -6.45
CA VAL A 156 28.40 1.41 -5.73
C VAL A 156 28.31 1.25 -4.22
N LEU A 157 27.08 1.20 -3.71
CA LEU A 157 26.87 0.98 -2.28
C LEU A 157 27.27 -0.44 -1.92
N VAL A 158 26.90 -1.38 -2.78
CA VAL A 158 27.28 -2.78 -2.57
C VAL A 158 28.79 -2.89 -2.44
N HIS A 159 29.53 -2.21 -3.32
CA HIS A 159 30.99 -2.19 -3.25
C HIS A 159 31.46 -1.75 -1.86
N LYS A 160 30.94 -0.62 -1.40
CA LYS A 160 31.32 -0.02 -0.13
C LYS A 160 30.99 -0.91 1.07
N ILE A 161 29.78 -1.44 1.09
CA ILE A 161 29.35 -2.25 2.22
C ILE A 161 30.10 -3.58 2.30
N LEU A 162 30.22 -4.27 1.17
CA LEU A 162 31.00 -5.49 1.14
C LEU A 162 32.48 -5.14 1.27
N GLY A 163 32.87 -4.00 0.72
CA GLY A 163 34.24 -3.56 0.81
C GLY A 163 34.72 -3.50 2.24
N ALA A 164 33.89 -2.90 3.09
CA ALA A 164 34.20 -2.79 4.51
C ALA A 164 34.31 -4.16 5.18
N ALA A 165 33.31 -5.01 4.92
CA ALA A 165 33.29 -6.35 5.50
C ALA A 165 34.56 -7.12 5.15
N ALA A 166 34.94 -7.11 3.88
CA ALA A 166 36.17 -7.78 3.45
C ALA A 166 37.36 -7.18 4.17
N HIS A 167 37.37 -5.87 4.33
CA HIS A 167 38.47 -5.20 5.00
C HIS A 167 38.51 -5.56 6.48
N GLN A 168 37.34 -5.94 7.02
CA GLN A 168 37.23 -6.35 8.43
C GLN A 168 37.49 -7.85 8.61
N GLU A 169 38.08 -8.47 7.59
CA GLU A 169 38.49 -9.86 7.66
C GLU A 169 37.34 -10.87 7.78
N ALA A 170 36.19 -10.54 7.20
CA ALA A 170 35.09 -11.49 7.11
C ALA A 170 35.42 -12.52 6.05
N SER A 171 34.84 -13.73 6.17
CA SER A 171 35.13 -14.83 5.25
C SER A 171 34.28 -14.71 3.99
N LEU A 172 34.72 -15.37 2.92
CA LEU A 172 33.98 -15.37 1.67
C LEU A 172 32.51 -15.70 1.92
N ASP A 173 32.25 -16.71 2.74
CA ASP A 173 30.89 -17.14 3.02
C ASP A 173 30.04 -16.03 3.64
N GLU A 174 30.56 -15.43 4.70
CA GLU A 174 29.87 -14.36 5.42
C GLU A 174 29.56 -13.19 4.48
N ILE A 175 30.56 -12.79 3.72
CA ILE A 175 30.41 -11.70 2.75
C ILE A 175 29.38 -12.06 1.70
N LYS A 176 29.35 -13.32 1.27
CA LYS A 176 28.34 -13.75 0.33
C LYS A 176 26.94 -13.60 0.94
N ASP A 177 26.78 -14.04 2.19
CA ASP A 177 25.49 -13.94 2.88
C ASP A 177 25.04 -12.49 3.06
N LEU A 178 25.99 -11.61 3.37
CA LEU A 178 25.72 -10.19 3.51
C LEU A 178 25.29 -9.53 2.20
N ALA A 179 25.99 -9.87 1.12
CA ALA A 179 25.65 -9.37 -0.21
C ALA A 179 24.21 -9.68 -0.57
N ASP A 180 23.79 -10.92 -0.31
CA ASP A 180 22.44 -11.35 -0.62
C ASP A 180 21.41 -10.51 0.10
N LYS A 181 21.62 -10.27 1.40
CA LYS A 181 20.70 -9.46 2.19
C LYS A 181 20.73 -8.00 1.76
N VAL A 182 21.93 -7.50 1.50
CA VAL A 182 22.12 -6.12 1.13
C VAL A 182 21.47 -5.78 -0.22
N VAL A 183 21.77 -6.55 -1.25
CA VAL A 183 21.24 -6.29 -2.60
C VAL A 183 19.72 -6.27 -2.63
N LYS A 184 19.08 -7.07 -1.78
CA LYS A 184 17.62 -7.11 -1.74
C LYS A 184 17.02 -5.84 -1.14
N ASN A 185 17.86 -5.07 -0.44
CA ASN A 185 17.40 -3.85 0.22
C ASN A 185 17.85 -2.57 -0.47
N ILE A 186 18.37 -2.72 -1.69
CA ILE A 186 18.81 -1.58 -2.49
C ILE A 186 17.93 -1.43 -3.72
N LYS A 187 17.27 -0.29 -3.84
CA LYS A 187 16.41 -0.05 -5.00
C LYS A 187 16.68 1.31 -5.63
N THR A 188 16.66 1.34 -6.95
CA THR A 188 17.04 2.54 -7.70
C THR A 188 16.11 2.78 -8.88
N ILE A 189 15.85 4.05 -9.16
CA ILE A 189 15.16 4.43 -10.38
C ILE A 189 15.74 5.75 -10.87
N GLY A 190 15.90 5.86 -12.18
CA GLY A 190 16.48 7.07 -12.76
C GLY A 190 15.70 7.61 -13.94
N LEU A 191 16.20 8.68 -14.53
CA LEU A 191 15.55 9.30 -15.67
C LEU A 191 16.58 9.99 -16.52
N ALA A 192 16.23 10.27 -17.77
CA ALA A 192 17.19 10.89 -18.68
C ALA A 192 16.57 12.07 -19.40
N LEU A 193 17.34 13.13 -19.58
CA LEU A 193 16.90 14.26 -20.39
C LEU A 193 17.51 14.13 -21.78
N SER A 194 18.49 13.25 -21.90
CA SER A 194 19.20 13.04 -23.16
C SER A 194 19.89 11.70 -23.12
N ALA A 195 20.22 11.17 -24.30
CA ALA A 195 20.87 9.86 -24.40
C ALA A 195 22.37 10.05 -24.53
N ALA A 196 23.11 9.02 -24.13
CA ALA A 196 24.56 9.03 -24.27
C ALA A 196 24.93 8.95 -25.74
N THR A 197 26.03 9.60 -26.08
CA THR A 197 26.59 9.50 -27.42
C THR A 197 27.82 8.60 -27.36
N VAL A 198 27.81 7.52 -28.12
CA VAL A 198 28.93 6.57 -28.11
C VAL A 198 29.97 6.92 -29.18
N PRO A 199 31.25 7.01 -28.78
CA PRO A 199 32.35 7.36 -29.69
C PRO A 199 32.36 6.52 -30.96
N ASP A 210 13.29 15.67 -27.95
CA ASP A 210 13.72 17.01 -27.58
C ASP A 210 12.70 17.67 -26.66
N ASN A 211 13.20 18.39 -25.66
CA ASN A 211 12.39 18.92 -24.58
C ASN A 211 11.53 17.83 -23.96
N GLU A 212 11.98 16.59 -24.09
CA GLU A 212 11.31 15.45 -23.48
C GLU A 212 12.24 14.77 -22.48
N ILE A 213 11.66 14.03 -21.55
CA ILE A 213 12.43 13.24 -20.60
C ILE A 213 11.92 11.81 -20.65
N GLU A 214 12.79 10.86 -20.33
CA GLU A 214 12.36 9.48 -20.24
C GLU A 214 12.68 8.90 -18.86
N TYR A 215 11.65 8.37 -18.22
CA TYR A 215 11.80 7.69 -16.94
C TYR A 215 12.32 6.28 -17.15
N GLY A 216 13.19 5.83 -16.25
CA GLY A 216 13.68 4.45 -16.26
C GLY A 216 14.67 4.10 -17.35
N VAL A 217 15.32 5.11 -17.93
CA VAL A 217 16.35 4.86 -18.91
C VAL A 217 17.49 4.02 -18.34
N GLY A 218 18.05 3.13 -19.16
CA GLY A 218 19.15 2.28 -18.75
C GLY A 218 20.48 3.00 -18.89
N ILE A 219 21.48 2.55 -18.14
CA ILE A 219 22.80 3.19 -18.15
C ILE A 219 23.56 2.95 -19.46
N HIS A 220 23.03 2.05 -20.30
CA HIS A 220 23.61 1.85 -21.63
C HIS A 220 22.74 2.55 -22.67
N SER A 221 21.91 3.49 -22.21
CA SER A 221 20.91 4.14 -23.06
C SER A 221 19.77 3.20 -23.44
N GLU A 222 19.53 2.18 -22.62
CA GLU A 222 18.36 1.34 -22.82
C GLU A 222 17.10 2.19 -22.64
N PRO A 223 16.02 1.82 -23.33
CA PRO A 223 14.73 2.51 -23.21
C PRO A 223 14.12 2.35 -21.82
N GLY A 224 13.32 3.33 -21.42
CA GLY A 224 12.62 3.27 -20.13
C GLY A 224 11.18 2.83 -20.28
N TYR A 225 10.33 3.25 -19.35
CA TYR A 225 8.93 2.83 -19.34
C TYR A 225 7.96 3.92 -19.79
N ARG A 226 8.33 5.17 -19.61
CA ARG A 226 7.46 6.28 -19.96
C ARG A 226 8.25 7.48 -20.45
N ARG A 227 7.85 7.97 -21.62
CA ARG A 227 8.40 9.22 -22.11
C ARG A 227 7.42 10.35 -21.79
N GLU A 228 7.95 11.52 -21.44
CA GLU A 228 7.10 12.62 -21.02
C GLU A 228 7.69 13.95 -21.50
N LYS A 229 6.83 14.92 -21.79
CA LYS A 229 7.31 16.27 -22.11
C LYS A 229 7.90 16.87 -20.85
N MET A 230 8.76 17.88 -21.02
CA MET A 230 9.57 18.40 -19.91
C MET A 230 8.76 18.60 -18.63
N LYS A 231 9.29 18.10 -17.52
CA LYS A 231 8.69 18.27 -16.21
C LYS A 231 9.69 19.03 -15.33
N THR A 232 9.18 19.64 -14.27
CA THR A 232 10.04 20.35 -13.33
C THR A 232 10.80 19.37 -12.45
N SER A 233 11.84 19.85 -11.78
CA SER A 233 12.60 19.02 -10.85
C SER A 233 11.67 18.34 -9.85
N TYR A 234 10.84 19.15 -9.18
CA TYR A 234 9.89 18.61 -8.21
C TYR A 234 8.97 17.53 -8.81
N GLU A 235 8.47 17.75 -10.01
CA GLU A 235 7.60 16.76 -10.67
C GLU A 235 8.35 15.45 -10.93
N LEU A 236 9.57 15.56 -11.43
CA LEU A 236 10.42 14.38 -11.64
C LEU A 236 10.69 13.66 -10.33
N ALA A 237 11.01 14.43 -9.29
CA ALA A 237 11.28 13.85 -7.99
C ALA A 237 10.04 13.13 -7.49
N THR A 238 8.88 13.68 -7.80
CA THR A 238 7.62 13.12 -7.34
C THR A 238 7.45 11.73 -7.94
N GLU A 239 7.82 11.59 -9.21
CA GLU A 239 7.73 10.32 -9.89
C GLU A 239 8.66 9.28 -9.26
N LEU A 240 9.93 9.64 -9.09
CA LEU A 240 10.94 8.73 -8.56
C LEU A 240 10.69 8.30 -7.11
N VAL A 241 10.48 9.26 -6.21
CA VAL A 241 10.19 8.90 -4.83
C VAL A 241 8.90 8.09 -4.77
N GLY A 242 7.96 8.44 -5.63
CA GLY A 242 6.69 7.73 -5.70
C GLY A 242 6.88 6.26 -6.04
N LYS A 243 7.75 5.99 -7.01
CA LYS A 243 8.05 4.61 -7.40
C LYS A 243 8.77 3.85 -6.28
N LEU A 244 9.77 4.46 -5.68
CA LEU A 244 10.52 3.84 -4.59
C LEU A 244 9.65 3.61 -3.35
N LYS A 245 8.67 4.48 -3.13
CA LYS A 245 7.74 4.33 -2.04
C LYS A 245 6.88 3.08 -2.24
N GLU A 246 6.43 2.86 -3.48
CA GLU A 246 5.66 1.67 -3.81
C GLU A 246 6.46 0.40 -3.59
N GLU A 247 7.75 0.47 -3.93
CA GLU A 247 8.64 -0.68 -3.81
C GLU A 247 8.92 -1.05 -2.36
N PHE A 248 9.40 -0.07 -1.58
CA PHE A 248 9.80 -0.31 -0.20
C PHE A 248 8.61 -0.36 0.78
N LYS A 249 7.46 0.15 0.34
CA LYS A 249 6.31 0.30 1.22
C LYS A 249 6.70 1.06 2.50
N PHE A 250 6.96 2.36 2.37
CA PHE A 250 7.40 3.19 3.50
C PHE A 250 6.49 3.11 4.73
N GLU A 251 7.12 3.03 5.90
CA GLU A 251 6.43 3.11 7.19
C GLU A 251 7.24 4.01 8.10
N ALA A 252 6.57 4.85 8.89
CA ALA A 252 7.28 5.73 9.82
C ALA A 252 8.24 4.90 10.67
N GLY A 253 9.40 5.48 10.97
CA GLY A 253 10.38 4.81 11.80
C GLY A 253 11.45 4.07 11.03
N GLN A 254 11.16 3.71 9.78
CA GLN A 254 12.11 2.99 8.93
C GLN A 254 13.35 3.82 8.67
N LYS A 255 14.48 3.14 8.56
CA LYS A 255 15.75 3.81 8.28
C LYS A 255 16.21 3.54 6.84
N TYR A 256 16.65 4.59 6.16
CA TYR A 256 17.17 4.47 4.81
C TYR A 256 18.43 5.31 4.61
N GLY A 257 19.20 4.96 3.58
CA GLY A 257 20.24 5.82 3.07
C GLY A 257 19.77 6.31 1.71
N ILE A 258 20.37 7.38 1.21
CA ILE A 258 19.97 7.93 -0.09
C ILE A 258 21.18 8.32 -0.93
N LEU A 259 21.13 7.95 -2.20
CA LEU A 259 22.16 8.33 -3.16
C LEU A 259 21.49 8.99 -4.35
N VAL A 260 21.85 10.24 -4.61
CA VAL A 260 21.45 10.91 -5.84
C VAL A 260 22.65 10.92 -6.77
N ASN A 261 22.50 10.25 -7.90
CA ASN A 261 23.60 9.99 -8.80
C ASN A 261 23.37 10.61 -10.18
N GLY A 262 24.28 11.49 -10.60
CA GLY A 262 24.17 12.11 -11.91
C GLY A 262 24.69 11.21 -13.01
N MET A 263 24.15 11.38 -14.22
CA MET A 263 24.47 10.50 -15.34
C MET A 263 25.66 10.92 -16.17
N GLY A 264 26.25 12.08 -15.86
CA GLY A 264 27.45 12.52 -16.54
C GLY A 264 27.46 13.97 -16.99
N ALA A 265 26.37 14.42 -17.60
CA ALA A 265 26.31 15.79 -18.12
C ALA A 265 25.30 16.67 -17.37
N THR A 266 24.91 16.22 -16.18
CA THR A 266 24.01 16.98 -15.33
C THR A 266 24.80 17.69 -14.23
N PRO A 267 24.73 19.02 -14.22
CA PRO A 267 25.50 19.80 -13.25
C PRO A 267 25.13 19.45 -11.82
N LEU A 268 26.08 19.60 -10.91
CA LEU A 268 25.82 19.31 -9.49
C LEU A 268 24.68 20.18 -8.95
N MET A 269 24.64 21.43 -9.38
CA MET A 269 23.56 22.32 -8.99
C MET A 269 22.21 21.62 -9.13
N GLU A 270 21.99 20.98 -10.27
CA GLU A 270 20.71 20.34 -10.55
C GLU A 270 20.48 19.10 -9.70
N GLN A 271 21.55 18.41 -9.35
CA GLN A 271 21.44 17.24 -8.50
C GLN A 271 21.08 17.62 -7.07
N PHE A 272 21.56 18.77 -6.62
CA PHE A 272 21.21 19.24 -5.29
C PHE A 272 19.81 19.86 -5.21
N ILE A 273 19.39 20.55 -6.26
CA ILE A 273 18.01 20.99 -6.38
C ILE A 273 17.08 19.79 -6.33
N PHE A 274 17.51 18.71 -6.96
CA PHE A 274 16.73 17.48 -6.98
C PHE A 274 16.72 16.83 -5.59
N MET A 275 17.88 16.82 -4.94
CA MET A 275 17.99 16.30 -3.58
C MET A 275 17.03 17.06 -2.67
N ASN A 276 16.99 18.38 -2.84
CA ASN A 276 16.11 19.22 -2.05
C ASN A 276 14.65 18.79 -2.20
N ASP A 277 14.25 18.52 -3.44
CA ASP A 277 12.87 18.10 -3.72
C ASP A 277 12.56 16.75 -3.10
N VAL A 278 13.53 15.83 -3.18
CA VAL A 278 13.40 14.52 -2.57
C VAL A 278 13.18 14.63 -1.06
N ALA A 279 14.02 15.45 -0.42
CA ALA A 279 13.89 15.70 1.01
C ALA A 279 12.46 16.15 1.34
N LYS A 280 11.93 17.08 0.58
CA LYS A 280 10.58 17.58 0.82
C LYS A 280 9.55 16.47 0.69
N LEU A 281 9.65 15.68 -0.37
CA LEU A 281 8.72 14.58 -0.60
C LEU A 281 8.80 13.49 0.48
N LEU A 282 9.94 13.41 1.18
CA LEU A 282 10.12 12.36 2.18
C LEU A 282 9.70 12.76 3.58
N THR A 283 9.71 14.06 3.87
CA THR A 283 9.36 14.54 5.21
C THR A 283 7.98 14.01 5.64
N GLU A 284 7.09 13.87 4.67
CA GLU A 284 5.75 13.36 4.91
C GLU A 284 5.78 11.93 5.47
N GLU A 285 6.80 11.18 5.06
CA GLU A 285 6.88 9.75 5.37
C GLU A 285 7.38 9.48 6.78
N ASN A 286 7.99 10.49 7.40
CA ASN A 286 8.52 10.32 8.74
C ASN A 286 9.42 9.09 8.83
N ILE A 287 10.30 8.97 7.84
CA ILE A 287 11.34 7.95 7.87
C ILE A 287 12.67 8.60 8.27
N GLU A 288 13.62 7.78 8.67
CA GLU A 288 14.89 8.31 9.16
C GLU A 288 15.97 8.12 8.09
N ILE A 289 16.47 9.23 7.55
CA ILE A 289 17.54 9.18 6.56
C ILE A 289 18.92 9.37 7.23
N LEU A 290 19.66 8.27 7.34
CA LEU A 290 20.90 8.24 8.10
C LEU A 290 22.14 8.37 7.21
N PHE A 291 21.93 8.29 5.90
CA PHE A 291 23.05 8.36 4.97
C PHE A 291 22.62 9.09 3.70
N LYS A 292 23.39 10.09 3.31
CA LYS A 292 23.07 10.87 2.11
C LYS A 292 24.32 11.06 1.27
N LYS A 293 24.15 11.03 -0.04
CA LYS A 293 25.28 11.14 -0.94
C LYS A 293 24.83 11.64 -2.30
N VAL A 294 25.56 12.62 -2.83
CA VAL A 294 25.20 13.22 -4.12
C VAL A 294 26.41 13.32 -5.05
N GLY A 295 26.22 13.00 -6.32
CA GLY A 295 27.30 13.16 -7.29
C GLY A 295 27.30 12.15 -8.43
N ASN A 296 28.35 12.22 -9.25
CA ASN A 296 28.52 11.31 -10.39
C ASN A 296 29.31 10.07 -9.99
N TYR A 297 28.61 8.99 -9.69
CA TYR A 297 29.25 7.78 -9.20
C TYR A 297 29.13 6.61 -10.17
N MET A 298 28.04 6.58 -10.93
CA MET A 298 27.91 5.65 -12.04
C MET A 298 27.20 6.33 -13.21
N THR A 299 27.99 6.81 -14.15
CA THR A 299 27.48 7.67 -15.22
C THR A 299 27.13 6.87 -16.47
N SER A 300 26.77 7.58 -17.53
CA SER A 300 26.49 6.98 -18.82
C SER A 300 27.04 7.92 -19.88
N ILE A 301 28.36 7.98 -19.97
CA ILE A 301 29.05 8.88 -20.88
C ILE A 301 28.64 10.34 -20.64
N ASP A 302 27.89 10.92 -21.57
CA ASP A 302 27.53 12.33 -21.52
C ASP A 302 26.02 12.50 -21.37
N MET A 303 25.34 11.45 -20.93
CA MET A 303 23.92 11.51 -20.67
C MET A 303 23.57 12.63 -19.69
N ALA A 304 22.56 13.42 -20.02
CA ALA A 304 21.97 14.31 -19.04
C ALA A 304 20.89 13.54 -18.31
N GLY A 305 20.96 13.54 -16.98
CA GLY A 305 19.98 12.82 -16.19
C GLY A 305 20.53 12.45 -14.83
N LEU A 306 19.74 11.71 -14.07
CA LEU A 306 20.15 11.26 -12.76
C LEU A 306 19.29 10.09 -12.31
N SER A 307 19.68 9.48 -11.20
CA SER A 307 18.89 8.41 -10.61
C SER A 307 18.83 8.58 -9.10
N LEU A 308 17.83 7.96 -8.50
CA LEU A 308 17.65 8.03 -7.06
C LEU A 308 17.74 6.63 -6.50
N THR A 309 18.67 6.44 -5.57
CA THR A 309 18.87 5.14 -4.94
C THR A 309 18.58 5.20 -3.46
N MET A 310 17.76 4.28 -2.97
CA MET A 310 17.57 4.15 -1.55
C MET A 310 17.95 2.75 -1.07
N ILE A 311 18.66 2.71 0.05
CA ILE A 311 18.97 1.45 0.70
C ILE A 311 18.29 1.40 2.05
N LYS A 312 17.46 0.39 2.26
CA LYS A 312 16.84 0.17 3.56
C LYS A 312 17.91 -0.31 4.53
N LEU A 313 18.09 0.43 5.63
CA LEU A 313 19.15 0.12 6.57
C LEU A 313 18.65 -0.83 7.66
N GLU A 314 18.46 -2.09 7.28
CA GLU A 314 17.96 -3.10 8.22
C GLU A 314 19.10 -3.82 8.93
N ASP A 315 20.05 -3.05 9.45
CA ASP A 315 21.19 -3.59 10.18
C ASP A 315 22.18 -2.46 10.42
N ASP A 316 22.49 -2.19 11.68
CA ASP A 316 23.39 -1.10 12.04
C ASP A 316 24.77 -1.25 11.38
N GLN A 317 25.13 -2.48 11.03
CA GLN A 317 26.43 -2.73 10.45
C GLN A 317 26.56 -2.07 9.07
N TRP A 318 25.47 -2.09 8.32
CA TRP A 318 25.44 -1.52 6.97
C TRP A 318 25.84 -0.04 6.97
N LEU A 319 25.30 0.72 7.90
CA LEU A 319 25.66 2.13 8.02
C LEU A 319 27.12 2.28 8.41
N LYS A 320 27.56 1.51 9.40
CA LYS A 320 28.95 1.53 9.80
C LYS A 320 29.86 1.24 8.62
N ASN A 321 29.45 0.31 7.76
CA ASN A 321 30.23 -0.03 6.58
C ASN A 321 30.21 1.06 5.53
N LEU A 322 29.06 1.70 5.36
CA LEU A 322 28.97 2.84 4.45
C LEU A 322 29.93 3.96 4.88
N ASN A 323 30.16 4.06 6.20
CA ASN A 323 31.01 5.11 6.74
C ASN A 323 32.42 4.64 7.07
N GLU A 324 32.68 3.36 6.82
CA GLU A 324 34.00 2.78 7.04
C GLU A 324 35.07 3.50 6.20
N ASP A 325 36.32 3.46 6.68
CA ASP A 325 37.42 4.08 5.95
C ASP A 325 37.68 3.38 4.61
N VAL A 326 37.98 4.17 3.59
CA VAL A 326 38.36 3.64 2.28
C VAL A 326 39.36 4.57 1.64
N LYS A 327 40.18 4.04 0.73
CA LYS A 327 41.14 4.83 -0.01
C LYS A 327 41.02 4.47 -1.48
N THR A 328 40.06 5.09 -2.14
CA THR A 328 39.85 4.91 -3.56
C THR A 328 39.96 6.26 -4.23
N ILE A 329 39.95 6.28 -5.55
CA ILE A 329 40.06 7.51 -6.31
C ILE A 329 38.79 8.34 -6.17
N SER A 330 37.64 7.67 -6.14
CA SER A 330 36.36 8.37 -6.21
C SER A 330 35.54 8.27 -4.95
N TRP A 331 36.14 7.79 -3.86
CA TRP A 331 35.46 7.77 -2.56
C TRP A 331 36.47 7.91 -1.43
N GLU B 4 -25.60 -27.32 -7.62
CA GLU B 4 -24.33 -26.63 -7.41
C GLU B 4 -23.87 -26.65 -5.96
N LYS B 5 -24.67 -26.05 -5.08
CA LYS B 5 -24.26 -25.88 -3.69
C LYS B 5 -25.16 -26.53 -2.64
N ILE B 6 -24.54 -27.03 -1.58
CA ILE B 6 -25.27 -27.51 -0.41
C ILE B 6 -25.33 -26.38 0.58
N ILE B 7 -26.40 -25.60 0.53
CA ILE B 7 -26.56 -24.48 1.43
C ILE B 7 -28.03 -24.32 1.75
N ASN B 8 -28.31 -23.40 2.66
CA ASN B 8 -29.68 -23.00 2.91
C ASN B 8 -29.93 -21.64 2.29
N GLN B 9 -30.33 -20.65 3.10
CA GLN B 9 -30.49 -19.32 2.57
C GLN B 9 -29.15 -18.62 2.41
N PRO B 10 -28.83 -18.22 1.18
CA PRO B 10 -27.53 -17.64 0.77
C PRO B 10 -26.97 -16.61 1.75
N GLN B 11 -27.84 -15.89 2.45
CA GLN B 11 -27.38 -14.86 3.37
C GLN B 11 -27.10 -15.40 4.76
N ASP B 12 -27.28 -16.71 4.93
CA ASP B 12 -27.07 -17.35 6.22
C ASP B 12 -25.80 -18.20 6.26
N VAL B 13 -25.13 -18.31 5.11
CA VAL B 13 -24.07 -19.31 4.97
C VAL B 13 -22.97 -19.16 6.02
N VAL B 14 -22.60 -17.93 6.34
CA VAL B 14 -21.52 -17.70 7.29
C VAL B 14 -21.90 -18.10 8.72
N SER B 15 -23.09 -17.69 9.13
CA SER B 15 -23.56 -18.00 10.48
C SER B 15 -23.85 -19.49 10.66
N GLU B 16 -24.52 -20.10 9.68
CA GLU B 16 -24.79 -21.53 9.74
C GLU B 16 -23.51 -22.36 9.75
N MET B 17 -22.51 -21.92 8.97
CA MET B 17 -21.23 -22.61 8.92
C MET B 17 -20.50 -22.55 10.25
N LEU B 18 -20.45 -21.36 10.84
CA LEU B 18 -19.80 -21.16 12.13
C LEU B 18 -20.47 -21.94 13.25
N ASP B 19 -21.79 -22.09 13.16
CA ASP B 19 -22.53 -22.92 14.10
C ASP B 19 -22.21 -24.40 13.90
N GLY B 20 -22.05 -24.79 12.63
CA GLY B 20 -21.62 -26.14 12.32
C GLY B 20 -20.21 -26.38 12.83
N LEU B 21 -19.36 -25.36 12.68
CA LEU B 21 -17.97 -25.44 13.11
C LEU B 21 -17.83 -25.63 14.61
N THR B 22 -18.56 -24.83 15.39
CA THR B 22 -18.47 -24.90 16.85
C THR B 22 -19.12 -26.16 17.42
N TYR B 23 -20.19 -26.63 16.77
CA TYR B 23 -20.84 -27.87 17.16
C TYR B 23 -19.85 -29.00 17.02
N ALA B 24 -19.16 -29.03 15.90
CA ALA B 24 -18.24 -30.11 15.57
C ALA B 24 -16.99 -30.05 16.43
N TYR B 25 -16.45 -28.86 16.64
CA TYR B 25 -15.15 -28.74 17.27
C TYR B 25 -15.11 -27.83 18.50
N GLY B 26 -16.03 -28.04 19.44
CA GLY B 26 -15.95 -27.40 20.76
C GLY B 26 -14.53 -27.51 21.29
N ASP B 27 -13.78 -26.42 21.11
CA ASP B 27 -12.33 -26.37 21.21
C ASP B 27 -12.00 -25.02 20.59
N LEU B 28 -13.01 -24.53 19.88
CA LEU B 28 -13.10 -23.15 19.46
C LEU B 28 -14.44 -22.69 20.01
N ILE B 29 -14.69 -21.39 20.02
CA ILE B 29 -16.00 -20.88 20.38
C ILE B 29 -16.35 -19.72 19.48
N GLU B 30 -17.64 -19.49 19.28
CA GLU B 30 -18.07 -18.29 18.59
C GLU B 30 -18.39 -17.25 19.64
N LYS B 31 -17.78 -16.08 19.51
CA LYS B 31 -18.03 -14.99 20.44
C LYS B 31 -19.52 -14.66 20.47
N VAL B 32 -20.03 -14.47 21.69
CA VAL B 32 -21.41 -14.07 21.94
C VAL B 32 -22.18 -13.88 20.65
N PRO B 33 -23.04 -14.86 20.32
CA PRO B 33 -23.81 -15.11 19.09
C PRO B 33 -24.28 -13.85 18.38
N ASP B 34 -23.41 -12.85 18.33
CA ASP B 34 -23.70 -11.58 17.72
C ASP B 34 -22.54 -11.27 16.81
N PHE B 35 -21.47 -12.05 16.94
CA PHE B 35 -20.27 -11.82 16.15
C PHE B 35 -19.78 -13.07 15.43
N GLU B 36 -19.33 -12.88 14.19
CA GLU B 36 -18.75 -13.95 13.41
C GLU B 36 -17.25 -14.02 13.67
N ILE B 37 -16.92 -14.32 14.92
CA ILE B 37 -15.55 -14.47 15.33
C ILE B 37 -15.36 -15.82 15.98
N ILE B 38 -14.33 -16.54 15.55
CA ILE B 38 -14.00 -17.83 16.12
C ILE B 38 -12.73 -17.69 16.95
N GLN B 39 -12.87 -17.99 18.24
CA GLN B 39 -11.76 -17.82 19.16
C GLN B 39 -11.39 -19.15 19.77
N ARG B 40 -10.11 -19.32 20.09
CA ARG B 40 -9.64 -20.56 20.69
C ARG B 40 -10.07 -20.68 22.15
N LYS B 41 -10.41 -21.89 22.56
CA LYS B 41 -10.80 -22.16 23.93
C LYS B 41 -9.58 -22.29 24.84
N SER B 42 -8.40 -22.36 24.25
CA SER B 42 -7.16 -22.45 25.02
C SER B 42 -7.06 -21.29 26.03
N PRO B 43 -6.85 -21.63 27.31
CA PRO B 43 -6.88 -20.63 28.39
C PRO B 43 -5.85 -19.53 28.18
N LYS B 44 -6.25 -18.29 28.41
CA LYS B 44 -5.34 -17.15 28.28
C LYS B 44 -4.20 -17.30 29.28
N SER B 45 -3.00 -16.89 28.88
CA SER B 45 -1.84 -17.04 29.75
C SER B 45 -0.73 -16.06 29.40
N GLY B 46 -1.12 -14.81 29.16
CA GLY B 46 -0.16 -13.74 28.90
C GLY B 46 0.69 -13.88 27.65
N LYS B 47 0.19 -14.63 26.68
CA LYS B 47 0.87 -14.76 25.39
C LYS B 47 0.39 -13.64 24.48
N VAL B 48 1.25 -13.20 23.57
CA VAL B 48 0.80 -12.28 22.53
C VAL B 48 -0.32 -12.96 21.76
N ALA B 49 -1.41 -12.24 21.53
CA ALA B 49 -2.54 -12.80 20.78
C ALA B 49 -2.43 -12.47 19.30
N LEU B 50 -2.68 -13.48 18.47
CA LEU B 50 -2.67 -13.32 17.03
C LEU B 50 -4.10 -13.30 16.52
N VAL B 51 -4.44 -12.29 15.74
CA VAL B 51 -5.78 -12.20 15.18
C VAL B 51 -5.70 -12.05 13.67
N SER B 52 -6.47 -12.85 12.96
CA SER B 52 -6.55 -12.74 11.52
C SER B 52 -7.98 -12.90 11.06
N GLY B 53 -8.16 -12.93 9.74
CA GLY B 53 -9.49 -13.07 9.19
C GLY B 53 -9.53 -12.53 7.78
N GLY B 54 -10.74 -12.40 7.25
CA GLY B 54 -10.95 -11.95 5.89
C GLY B 54 -12.32 -12.42 5.46
N GLY B 55 -12.53 -12.49 4.15
CA GLY B 55 -13.79 -12.98 3.62
C GLY B 55 -13.96 -14.44 3.94
N SER B 56 -15.22 -14.89 3.99
CA SER B 56 -15.53 -16.30 4.02
C SER B 56 -15.36 -16.83 2.60
N GLY B 57 -15.28 -18.15 2.45
CA GLY B 57 -15.08 -18.75 1.14
C GLY B 57 -13.66 -19.24 0.91
N HIS B 58 -12.80 -19.09 1.91
CA HIS B 58 -11.43 -19.58 1.81
C HIS B 58 -11.13 -20.68 2.82
N GLU B 59 -12.18 -21.24 3.43
CA GLU B 59 -12.02 -22.27 4.45
C GLU B 59 -11.06 -23.37 3.97
N PRO B 60 -10.20 -23.86 4.86
CA PRO B 60 -10.22 -23.60 6.29
C PRO B 60 -9.55 -22.29 6.68
N ALA B 61 -9.13 -21.48 5.72
CA ALA B 61 -8.32 -20.31 6.03
C ALA B 61 -8.90 -19.51 7.19
N HIS B 62 -8.08 -19.38 8.21
CA HIS B 62 -8.35 -18.57 9.39
C HIS B 62 -9.07 -19.31 10.50
N ALA B 63 -10.34 -19.63 10.34
CA ALA B 63 -11.05 -20.30 11.43
C ALA B 63 -10.41 -21.65 11.77
N GLY B 64 -9.96 -22.35 10.74
CA GLY B 64 -9.33 -23.65 10.94
C GLY B 64 -7.95 -23.60 11.57
N PHE B 65 -7.36 -22.42 11.62
CA PHE B 65 -6.04 -22.26 12.20
C PHE B 65 -6.10 -21.50 13.51
N VAL B 66 -7.28 -21.54 14.14
CA VAL B 66 -7.48 -20.96 15.45
C VAL B 66 -7.23 -22.01 16.53
N GLY B 67 -6.18 -21.82 17.31
CA GLY B 67 -5.89 -22.76 18.38
C GLY B 67 -4.57 -22.45 19.04
N GLU B 68 -4.26 -23.19 20.10
CA GLU B 68 -2.98 -23.08 20.76
C GLU B 68 -1.85 -23.31 19.75
N GLY B 69 -0.90 -22.38 19.71
CA GLY B 69 0.22 -22.49 18.79
C GLY B 69 0.02 -21.71 17.50
N MET B 70 -1.23 -21.34 17.21
CA MET B 70 -1.51 -20.46 16.07
C MET B 70 -2.36 -19.24 16.47
N LEU B 71 -3.45 -19.01 15.75
CA LEU B 71 -4.28 -17.82 15.96
C LEU B 71 -5.11 -17.87 17.25
N SER B 72 -5.31 -16.69 17.85
CA SER B 72 -6.20 -16.58 18.99
C SER B 72 -7.65 -16.54 18.51
N ALA B 73 -7.88 -15.81 17.43
CA ALA B 73 -9.22 -15.64 16.90
C ALA B 73 -9.20 -15.34 15.41
N ALA B 74 -10.26 -15.74 14.72
CA ALA B 74 -10.40 -15.42 13.31
C ALA B 74 -11.72 -14.69 13.08
N VAL B 75 -11.65 -13.59 12.35
CA VAL B 75 -12.83 -12.79 12.11
C VAL B 75 -13.34 -13.05 10.70
N CYS B 76 -14.53 -13.65 10.62
CA CYS B 76 -15.04 -14.12 9.34
C CYS B 76 -16.04 -13.14 8.73
N GLY B 77 -15.69 -12.61 7.56
CA GLY B 77 -16.56 -11.67 6.87
C GLY B 77 -17.61 -12.37 6.05
N ALA B 78 -18.38 -11.61 5.29
CA ALA B 78 -19.28 -12.20 4.31
C ALA B 78 -18.41 -12.88 3.26
N ILE B 79 -19.03 -13.68 2.39
CA ILE B 79 -18.31 -14.36 1.32
C ILE B 79 -17.42 -13.39 0.53
N PHE B 80 -16.13 -13.72 0.45
CA PHE B 80 -15.17 -12.90 -0.29
C PHE B 80 -15.18 -11.44 0.13
N THR B 81 -15.60 -11.18 1.36
CA THR B 81 -15.67 -9.80 1.84
C THR B 81 -14.97 -9.66 3.17
N SER B 82 -14.14 -8.63 3.28
CA SER B 82 -13.46 -8.35 4.54
C SER B 82 -14.48 -8.19 5.67
N PRO B 83 -14.09 -8.59 6.89
CA PRO B 83 -14.92 -8.34 8.08
C PRO B 83 -15.00 -6.84 8.33
N THR B 84 -16.07 -6.41 9.02
CA THR B 84 -16.22 -4.99 9.38
C THR B 84 -15.39 -4.63 10.61
N PRO B 85 -14.98 -3.35 10.71
CA PRO B 85 -14.04 -2.93 11.75
C PRO B 85 -14.53 -3.24 13.16
N ASP B 86 -15.85 -3.22 13.36
CA ASP B 86 -16.44 -3.51 14.67
C ASP B 86 -16.26 -4.97 15.05
N GLN B 87 -16.48 -5.86 14.09
CA GLN B 87 -16.23 -7.29 14.29
C GLN B 87 -14.78 -7.52 14.67
N ILE B 88 -13.88 -6.91 13.90
CA ILE B 88 -12.45 -7.05 14.13
C ILE B 88 -12.07 -6.47 15.49
N TYR B 89 -12.58 -5.26 15.77
CA TYR B 89 -12.36 -4.61 17.05
C TYR B 89 -12.75 -5.52 18.20
N GLU B 90 -13.92 -6.13 18.07
CA GLU B 90 -14.42 -7.01 19.12
C GLU B 90 -13.50 -8.18 19.33
N ALA B 91 -12.93 -8.69 18.24
CA ALA B 91 -12.01 -9.81 18.32
C ALA B 91 -10.68 -9.38 18.95
N ILE B 92 -10.22 -8.18 18.65
CA ILE B 92 -9.00 -7.68 19.27
C ILE B 92 -9.13 -7.64 20.78
N LYS B 93 -10.19 -7.00 21.28
CA LYS B 93 -10.28 -6.82 22.73
C LYS B 93 -10.63 -8.10 23.48
N SER B 94 -11.22 -9.05 22.78
CA SER B 94 -11.58 -10.33 23.38
C SER B 94 -10.43 -11.33 23.33
N ALA B 95 -9.46 -11.09 22.45
CA ALA B 95 -8.33 -12.01 22.28
C ALA B 95 -7.14 -11.66 23.16
N ASP B 96 -7.02 -10.38 23.49
CA ASP B 96 -5.91 -9.87 24.27
C ASP B 96 -5.72 -10.67 25.55
N GLU B 97 -4.47 -10.99 25.87
CA GLU B 97 -4.18 -11.74 27.08
C GLU B 97 -3.36 -10.88 28.03
N GLY B 98 -3.12 -9.64 27.64
CA GLY B 98 -2.35 -8.71 28.46
C GLY B 98 -0.98 -8.42 27.87
N ALA B 99 -0.65 -9.10 26.79
CA ALA B 99 0.65 -8.94 26.15
C ALA B 99 0.54 -8.23 24.81
N GLY B 100 -0.69 -7.93 24.40
CA GLY B 100 -0.92 -7.25 23.14
C GLY B 100 -1.41 -8.17 22.03
N VAL B 101 -1.74 -7.56 20.89
CA VAL B 101 -2.35 -8.27 19.78
C VAL B 101 -1.63 -7.93 18.49
N LEU B 102 -1.31 -8.95 17.71
CA LEU B 102 -0.77 -8.75 16.37
C LEU B 102 -1.84 -9.07 15.33
N LEU B 103 -2.09 -8.11 14.44
CA LEU B 103 -3.01 -8.35 13.34
C LEU B 103 -2.27 -8.95 12.15
N ILE B 104 -2.75 -10.09 11.68
CA ILE B 104 -2.21 -10.67 10.47
C ILE B 104 -3.21 -10.42 9.37
N ILE B 105 -2.85 -9.54 8.45
CA ILE B 105 -3.79 -9.06 7.43
C ILE B 105 -3.33 -9.43 6.02
N LYS B 106 -4.21 -10.01 5.24
CA LYS B 106 -3.89 -10.33 3.85
C LYS B 106 -4.02 -9.06 3.02
N ASN B 107 -3.05 -8.82 2.14
CA ASN B 107 -3.03 -7.56 1.40
C ASN B 107 -4.13 -7.39 0.33
N TYR B 108 -5.23 -6.77 0.74
CA TYR B 108 -6.34 -6.42 -0.15
C TYR B 108 -6.91 -5.10 0.32
N LEU B 109 -7.39 -4.28 -0.61
CA LEU B 109 -7.86 -2.95 -0.25
C LEU B 109 -8.80 -3.00 0.96
N GLY B 110 -9.87 -3.79 0.84
CA GLY B 110 -10.83 -3.97 1.91
C GLY B 110 -10.29 -4.46 3.24
N ASP B 111 -9.61 -5.61 3.23
CA ASP B 111 -9.06 -6.17 4.45
C ASP B 111 -8.18 -5.15 5.21
N VAL B 112 -7.28 -4.49 4.50
CA VAL B 112 -6.32 -3.60 5.13
C VAL B 112 -6.99 -2.36 5.74
N MET B 113 -7.95 -1.80 5.03
CA MET B 113 -8.70 -0.65 5.53
C MET B 113 -9.45 -0.99 6.80
N ASN B 114 -10.08 -2.17 6.79
CA ASN B 114 -10.89 -2.62 7.91
C ASN B 114 -10.09 -3.00 9.15
N PHE B 115 -9.07 -3.83 8.98
CA PHE B 115 -8.23 -4.22 10.09
C PHE B 115 -7.52 -3.02 10.71
N GLU B 116 -7.05 -2.11 9.88
CA GLU B 116 -6.30 -0.96 10.38
C GLU B 116 -7.22 -0.02 11.13
N MET B 117 -8.45 0.06 10.63
CA MET B 117 -9.49 0.84 11.30
C MET B 117 -9.76 0.21 12.67
N ALA B 118 -9.99 -1.10 12.67
CA ALA B 118 -10.19 -1.82 13.91
C ALA B 118 -9.01 -1.58 14.86
N ARG B 119 -7.79 -1.63 14.30
CA ARG B 119 -6.60 -1.40 15.11
C ARG B 119 -6.71 -0.08 15.86
N GLU B 120 -7.00 0.98 15.11
CA GLU B 120 -7.16 2.31 15.67
C GLU B 120 -8.20 2.33 16.80
N MET B 121 -9.37 1.77 16.52
CA MET B 121 -10.41 1.60 17.53
C MET B 121 -9.85 0.95 18.81
N ALA B 122 -9.17 -0.18 18.63
CA ALA B 122 -8.61 -0.92 19.77
C ALA B 122 -7.54 -0.12 20.52
N GLU B 123 -6.83 0.74 19.80
CA GLU B 123 -5.76 1.52 20.43
C GLU B 123 -6.31 2.64 21.30
N MET B 124 -7.48 3.15 20.92
CA MET B 124 -8.18 4.16 21.70
C MET B 124 -8.63 3.61 23.06
N GLU B 125 -8.75 2.29 23.14
CA GLU B 125 -9.08 1.61 24.40
C GLU B 125 -7.79 1.16 25.10
N GLU B 126 -6.66 1.70 24.64
CA GLU B 126 -5.36 1.45 25.23
C GLU B 126 -4.86 0.01 25.04
N ILE B 127 -5.36 -0.66 24.01
CA ILE B 127 -4.86 -1.99 23.66
C ILE B 127 -3.62 -1.86 22.76
N LYS B 128 -2.56 -2.56 23.14
CA LYS B 128 -1.33 -2.56 22.36
C LYS B 128 -1.48 -3.50 21.17
N VAL B 129 -1.45 -2.96 19.96
CA VAL B 129 -1.57 -3.79 18.77
C VAL B 129 -0.55 -3.45 17.66
N GLU B 130 0.06 -4.50 17.10
CA GLU B 130 0.91 -4.33 15.93
C GLU B 130 0.26 -5.03 14.75
N GLN B 131 0.81 -4.83 13.56
CA GLN B 131 0.24 -5.48 12.39
C GLN B 131 1.30 -5.98 11.42
N ILE B 132 0.92 -7.00 10.66
CA ILE B 132 1.73 -7.47 9.54
C ILE B 132 0.82 -7.69 8.35
N ILE B 133 1.19 -7.09 7.22
CA ILE B 133 0.43 -7.26 5.99
C ILE B 133 1.12 -8.28 5.09
N VAL B 134 0.40 -9.35 4.76
CA VAL B 134 0.98 -10.41 3.93
C VAL B 134 0.69 -10.20 2.45
N ASP B 135 1.77 -10.04 1.68
CA ASP B 135 1.69 -9.72 0.25
C ASP B 135 2.55 -10.70 -0.55
N ASP B 136 2.25 -11.99 -0.43
CA ASP B 136 3.10 -13.03 -1.00
C ASP B 136 2.84 -13.35 -2.48
N ASP B 137 1.67 -12.99 -2.98
CA ASP B 137 1.27 -13.30 -4.37
C ASP B 137 2.08 -12.48 -5.38
N ILE B 138 2.96 -13.16 -6.10
CA ILE B 138 3.80 -12.49 -7.08
C ILE B 138 3.16 -12.47 -8.48
N ALA B 139 1.90 -12.88 -8.56
CA ALA B 139 1.19 -13.01 -9.84
C ALA B 139 1.21 -11.75 -10.70
N VAL B 140 0.49 -10.71 -10.30
CA VAL B 140 0.60 -9.45 -11.05
C VAL B 140 0.07 -8.16 -10.39
N GLU B 141 0.70 -7.85 -9.26
CA GLU B 141 0.94 -6.47 -8.81
C GLU B 141 -0.24 -5.52 -8.90
N ASN B 142 -0.53 -4.88 -7.77
CA ASN B 142 -1.68 -3.99 -7.69
C ASN B 142 -2.88 -4.55 -8.43
N SER B 143 -3.07 -5.86 -8.32
CA SER B 143 -4.23 -6.51 -8.91
C SER B 143 -5.44 -5.68 -8.55
N LEU B 144 -6.10 -5.16 -9.58
CA LEU B 144 -7.26 -4.28 -9.38
C LEU B 144 -6.88 -3.05 -8.56
N TYR B 145 -7.21 -3.08 -7.27
CA TYR B 145 -6.87 -1.97 -6.38
C TYR B 145 -6.06 -2.39 -5.17
N THR B 146 -6.00 -3.69 -4.89
CA THR B 146 -4.96 -4.19 -4.01
C THR B 146 -3.75 -3.32 -4.26
N GLN B 147 -3.23 -2.72 -3.20
CA GLN B 147 -2.03 -1.91 -3.33
C GLN B 147 -0.78 -2.76 -3.18
N GLY B 148 -0.22 -3.19 -4.31
CA GLY B 148 0.91 -4.10 -4.28
C GLY B 148 0.49 -5.53 -4.57
N ARG B 149 1.14 -6.49 -3.92
CA ARG B 149 0.84 -7.90 -4.15
C ARG B 149 -0.24 -8.40 -3.21
N ARG B 150 -1.13 -9.22 -3.75
CA ARG B 150 -2.20 -9.83 -2.96
C ARG B 150 -1.65 -10.79 -1.92
N GLY B 151 -2.37 -10.92 -0.81
CA GLY B 151 -2.00 -11.88 0.23
C GLY B 151 -2.76 -13.19 0.06
N VAL B 152 -2.03 -14.29 -0.09
CA VAL B 152 -2.66 -15.57 -0.34
C VAL B 152 -2.18 -16.67 0.59
N ALA B 153 -2.07 -17.88 0.05
CA ALA B 153 -1.87 -19.09 0.86
C ALA B 153 -0.70 -19.02 1.84
N GLY B 154 0.37 -18.31 1.46
CA GLY B 154 1.51 -18.12 2.31
C GLY B 154 1.16 -17.56 3.68
N THR B 155 0.04 -16.86 3.76
CA THR B 155 -0.47 -16.36 5.03
C THR B 155 -0.52 -17.47 6.08
N VAL B 156 -0.89 -18.67 5.65
CA VAL B 156 -1.01 -19.80 6.58
C VAL B 156 0.32 -20.13 7.26
N LEU B 157 1.41 -19.98 6.53
CA LEU B 157 2.73 -20.19 7.10
C LEU B 157 3.06 -19.10 8.10
N VAL B 158 2.71 -17.87 7.76
CA VAL B 158 2.90 -16.74 8.68
C VAL B 158 2.19 -17.04 9.99
N HIS B 159 0.96 -17.53 9.93
CA HIS B 159 0.21 -17.91 11.12
C HIS B 159 1.02 -18.87 11.99
N LYS B 160 1.51 -19.94 11.36
CA LYS B 160 2.24 -20.99 12.07
C LYS B 160 3.56 -20.50 12.67
N ILE B 161 4.32 -19.75 11.88
CA ILE B 161 5.62 -19.28 12.35
C ILE B 161 5.47 -18.27 13.48
N LEU B 162 4.60 -17.29 13.31
CA LEU B 162 4.35 -16.32 14.38
C LEU B 162 3.62 -17.00 15.52
N GLY B 163 2.77 -17.96 15.16
CA GLY B 163 2.00 -18.71 16.14
C GLY B 163 2.92 -19.34 17.17
N ALA B 164 3.99 -19.97 16.68
CA ALA B 164 4.95 -20.62 17.55
C ALA B 164 5.66 -19.60 18.44
N ALA B 165 6.11 -18.51 17.83
CA ALA B 165 6.82 -17.47 18.57
C ALA B 165 5.97 -16.94 19.71
N ALA B 166 4.71 -16.63 19.42
CA ALA B 166 3.80 -16.15 20.45
C ALA B 166 3.66 -17.19 21.54
N HIS B 167 3.57 -18.45 21.14
CA HIS B 167 3.43 -19.53 22.10
C HIS B 167 4.69 -19.68 22.95
N GLN B 168 5.81 -19.22 22.40
CA GLN B 168 7.09 -19.31 23.10
C GLN B 168 7.33 -18.06 23.95
N GLU B 169 6.27 -17.29 24.17
CA GLU B 169 6.32 -16.12 25.04
C GLU B 169 7.21 -14.98 24.54
N ALA B 170 7.30 -14.84 23.22
CA ALA B 170 7.98 -13.68 22.63
C ALA B 170 7.10 -12.45 22.78
N SER B 171 7.72 -11.27 22.83
CA SER B 171 7.00 -10.01 23.01
C SER B 171 6.40 -9.50 21.71
N LEU B 172 5.38 -8.66 21.81
CA LEU B 172 4.75 -8.08 20.63
C LEU B 172 5.79 -7.53 19.66
N ASP B 173 6.77 -6.79 20.19
CA ASP B 173 7.84 -6.20 19.39
C ASP B 173 8.62 -7.24 18.59
N GLU B 174 9.13 -8.26 19.29
CA GLU B 174 9.92 -9.32 18.67
C GLU B 174 9.13 -10.01 17.56
N ILE B 175 7.88 -10.37 17.88
CA ILE B 175 7.00 -11.01 16.92
C ILE B 175 6.73 -10.11 15.72
N LYS B 176 6.60 -8.81 15.96
CA LYS B 176 6.44 -7.86 14.86
C LYS B 176 7.69 -7.87 13.96
N ASP B 177 8.87 -7.86 14.58
CA ASP B 177 10.13 -7.88 13.82
C ASP B 177 10.27 -9.16 12.99
N LEU B 178 9.86 -10.28 13.58
CA LEU B 178 9.92 -11.58 12.92
C LEU B 178 8.98 -11.65 11.72
N ALA B 179 7.77 -11.14 11.91
CA ALA B 179 6.77 -11.10 10.84
C ALA B 179 7.29 -10.35 9.62
N ASP B 180 7.92 -9.22 9.84
CA ASP B 180 8.49 -8.41 8.77
C ASP B 180 9.52 -9.19 7.96
N LYS B 181 10.44 -9.88 8.65
CA LYS B 181 11.46 -10.68 7.98
C LYS B 181 10.86 -11.89 7.28
N VAL B 182 9.90 -12.52 7.95
CA VAL B 182 9.27 -13.72 7.42
C VAL B 182 8.45 -13.46 6.15
N VAL B 183 7.56 -12.46 6.20
CA VAL B 183 6.72 -12.13 5.05
C VAL B 183 7.50 -11.79 3.79
N LYS B 184 8.66 -11.18 3.96
CA LYS B 184 9.51 -10.85 2.81
C LYS B 184 10.11 -12.11 2.16
N ASN B 185 10.11 -13.22 2.88
CA ASN B 185 10.72 -14.45 2.36
C ASN B 185 9.69 -15.49 1.94
N ILE B 186 8.44 -15.07 1.83
CA ILE B 186 7.37 -15.97 1.43
C ILE B 186 6.80 -15.49 0.09
N LYS B 187 6.88 -16.35 -0.92
CA LYS B 187 6.36 -16.00 -2.24
C LYS B 187 5.47 -17.11 -2.82
N THR B 188 4.38 -16.70 -3.46
CA THR B 188 3.38 -17.63 -3.93
C THR B 188 2.87 -17.26 -5.31
N ILE B 189 2.59 -18.28 -6.11
CA ILE B 189 1.90 -18.08 -7.37
C ILE B 189 0.96 -19.25 -7.63
N GLY B 190 -0.24 -18.96 -8.15
CA GLY B 190 -1.23 -19.99 -8.36
C GLY B 190 -1.85 -19.92 -9.74
N LEU B 191 -2.79 -20.82 -10.00
CA LEU B 191 -3.45 -20.88 -11.29
C LEU B 191 -4.83 -21.47 -11.10
N ALA B 192 -5.71 -21.23 -12.06
CA ALA B 192 -7.09 -21.70 -11.94
C ALA B 192 -7.54 -22.41 -13.20
N LEU B 193 -8.30 -23.49 -13.03
CA LEU B 193 -8.90 -24.18 -14.16
C LEU B 193 -10.34 -23.75 -14.28
N SER B 194 -10.84 -23.12 -13.21
CA SER B 194 -12.21 -22.67 -13.15
C SER B 194 -12.34 -21.59 -12.08
N ALA B 195 -13.40 -20.80 -12.17
CA ALA B 195 -13.63 -19.72 -11.22
C ALA B 195 -14.59 -20.18 -10.14
N ALA B 196 -14.49 -19.53 -8.98
CA ALA B 196 -15.41 -19.81 -7.89
C ALA B 196 -16.81 -19.35 -8.24
N THR B 197 -17.80 -20.09 -7.76
CA THR B 197 -19.19 -19.68 -7.89
C THR B 197 -19.64 -19.16 -6.53
N VAL B 198 -20.09 -17.91 -6.48
CA VAL B 198 -20.55 -17.31 -5.23
C VAL B 198 -22.05 -17.52 -5.00
N PRO B 199 -22.43 -18.02 -3.82
CA PRO B 199 -23.84 -18.29 -3.47
C PRO B 199 -24.75 -17.09 -3.75
N ASP B 210 -13.39 -22.18 -21.13
CA ASP B 210 -13.53 -23.63 -21.08
C ASP B 210 -12.31 -24.31 -21.71
N ASN B 211 -11.89 -25.42 -21.11
CA ASN B 211 -10.62 -26.06 -21.46
C ASN B 211 -9.46 -25.07 -21.47
N GLU B 212 -9.62 -24.00 -20.71
CA GLU B 212 -8.58 -23.00 -20.55
C GLU B 212 -8.17 -22.91 -19.09
N ILE B 213 -6.96 -22.41 -18.86
CA ILE B 213 -6.48 -22.18 -17.51
C ILE B 213 -6.00 -20.74 -17.41
N GLU B 214 -6.07 -20.16 -16.22
CA GLU B 214 -5.53 -18.82 -16.02
C GLU B 214 -4.48 -18.81 -14.92
N TYR B 215 -3.30 -18.31 -15.26
CA TYR B 215 -2.21 -18.16 -14.30
C TYR B 215 -2.42 -16.90 -13.47
N GLY B 216 -2.05 -16.98 -12.18
CA GLY B 216 -2.13 -15.82 -11.31
C GLY B 216 -3.51 -15.37 -10.87
N VAL B 217 -4.51 -16.25 -10.98
CA VAL B 217 -5.85 -15.93 -10.51
C VAL B 217 -5.86 -15.59 -9.00
N GLY B 218 -6.71 -14.64 -8.63
CA GLY B 218 -6.83 -14.24 -7.24
C GLY B 218 -7.76 -15.15 -6.48
N ILE B 219 -7.64 -15.18 -5.15
CA ILE B 219 -8.46 -16.07 -4.34
C ILE B 219 -9.91 -15.60 -4.23
N HIS B 220 -10.19 -14.41 -4.74
CA HIS B 220 -11.56 -13.91 -4.82
C HIS B 220 -12.05 -14.02 -6.26
N SER B 221 -11.37 -14.84 -7.05
CA SER B 221 -11.64 -14.95 -8.48
C SER B 221 -11.18 -13.70 -9.24
N GLU B 222 -10.20 -12.98 -8.69
CA GLU B 222 -9.59 -11.88 -9.42
C GLU B 222 -8.91 -12.43 -10.66
N PRO B 223 -8.83 -11.62 -11.72
CA PRO B 223 -8.14 -11.99 -12.96
C PRO B 223 -6.63 -12.17 -12.75
N GLY B 224 -6.01 -13.01 -13.57
CA GLY B 224 -4.58 -13.24 -13.52
C GLY B 224 -3.84 -12.45 -14.59
N TYR B 225 -2.68 -12.96 -15.00
CA TYR B 225 -1.86 -12.25 -15.98
C TYR B 225 -1.85 -12.89 -17.36
N ARG B 226 -2.10 -14.19 -17.41
CA ARG B 226 -2.09 -14.89 -18.69
C ARG B 226 -3.12 -16.01 -18.73
N ARG B 227 -3.97 -15.98 -19.76
CA ARG B 227 -4.87 -17.08 -20.01
C ARG B 227 -4.24 -18.00 -21.06
N GLU B 228 -4.42 -19.30 -20.89
CA GLU B 228 -3.81 -20.28 -21.77
C GLU B 228 -4.74 -21.47 -22.01
N LYS B 229 -4.68 -22.06 -23.19
CA LYS B 229 -5.42 -23.30 -23.45
C LYS B 229 -4.81 -24.41 -22.60
N MET B 230 -5.57 -25.47 -22.35
CA MET B 230 -5.17 -26.50 -21.39
C MET B 230 -3.71 -26.92 -21.52
N LYS B 231 -3.01 -26.93 -20.39
CA LYS B 231 -1.63 -27.39 -20.32
C LYS B 231 -1.57 -28.58 -19.39
N THR B 232 -0.51 -29.37 -19.52
CA THR B 232 -0.32 -30.54 -18.67
C THR B 232 0.14 -30.10 -17.28
N SER B 233 0.08 -31.00 -16.31
CA SER B 233 0.55 -30.70 -14.97
C SER B 233 1.99 -30.20 -15.01
N TYR B 234 2.85 -30.95 -15.70
CA TYR B 234 4.25 -30.60 -15.79
C TYR B 234 4.44 -29.21 -16.42
N GLU B 235 3.67 -28.89 -17.44
CA GLU B 235 3.77 -27.59 -18.09
C GLU B 235 3.38 -26.47 -17.13
N LEU B 236 2.30 -26.69 -16.40
CA LEU B 236 1.83 -25.72 -15.41
C LEU B 236 2.88 -25.56 -14.33
N ALA B 237 3.45 -26.67 -13.88
CA ALA B 237 4.45 -26.63 -12.84
C ALA B 237 5.66 -25.84 -13.34
N THR B 238 5.96 -26.00 -14.62
CA THR B 238 7.10 -25.34 -15.22
C THR B 238 6.92 -23.83 -15.13
N GLU B 239 5.70 -23.37 -15.38
CA GLU B 239 5.38 -21.96 -15.29
C GLU B 239 5.55 -21.43 -13.87
N LEU B 240 4.96 -22.12 -12.91
CA LEU B 240 4.98 -21.67 -11.51
C LEU B 240 6.38 -21.70 -10.88
N VAL B 241 7.08 -22.82 -10.96
CA VAL B 241 8.44 -22.87 -10.43
C VAL B 241 9.33 -21.86 -11.15
N GLY B 242 9.08 -21.68 -12.44
CA GLY B 242 9.82 -20.73 -13.24
C GLY B 242 9.67 -19.32 -12.71
N LYS B 243 8.44 -18.94 -12.35
CA LYS B 243 8.18 -17.62 -11.80
C LYS B 243 8.83 -17.44 -10.42
N LEU B 244 8.70 -18.44 -9.57
CA LEU B 244 9.28 -18.39 -8.23
C LEU B 244 10.81 -18.38 -8.28
N LYS B 245 11.37 -19.02 -9.29
CA LYS B 245 12.82 -19.03 -9.48
C LYS B 245 13.33 -17.63 -9.82
N GLU B 246 12.60 -16.93 -10.69
CA GLU B 246 12.93 -15.55 -11.02
C GLU B 246 12.87 -14.63 -9.79
N GLU B 247 11.87 -14.87 -8.92
CA GLU B 247 11.67 -14.07 -7.73
C GLU B 247 12.77 -14.28 -6.70
N PHE B 248 12.99 -15.53 -6.32
CA PHE B 248 13.96 -15.88 -5.27
C PHE B 248 15.40 -15.90 -5.75
N LYS B 249 15.58 -15.96 -7.07
CA LYS B 249 16.91 -16.11 -7.65
C LYS B 249 17.63 -17.30 -7.01
N PHE B 250 17.18 -18.52 -7.35
CA PHE B 250 17.73 -19.74 -6.77
C PHE B 250 19.26 -19.87 -6.91
N GLU B 251 19.89 -20.33 -5.83
CA GLU B 251 21.30 -20.66 -5.83
C GLU B 251 21.46 -21.97 -5.08
N ALA B 252 22.37 -22.83 -5.55
CA ALA B 252 22.60 -24.11 -4.88
C ALA B 252 22.92 -23.86 -3.40
N GLY B 253 22.42 -24.74 -2.54
CA GLY B 253 22.67 -24.63 -1.11
C GLY B 253 21.58 -23.92 -0.33
N GLN B 254 20.77 -23.12 -1.02
CA GLN B 254 19.68 -22.40 -0.39
C GLN B 254 18.66 -23.35 0.19
N LYS B 255 18.04 -22.95 1.30
CA LYS B 255 17.03 -23.75 1.96
C LYS B 255 15.64 -23.15 1.77
N TYR B 256 14.67 -23.99 1.41
CA TYR B 256 13.29 -23.55 1.26
C TYR B 256 12.30 -24.53 1.89
N GLY B 257 11.10 -24.03 2.17
CA GLY B 257 9.97 -24.89 2.45
C GLY B 257 9.03 -24.78 1.27
N ILE B 258 8.10 -25.74 1.15
CA ILE B 258 7.18 -25.75 0.02
C ILE B 258 5.77 -26.10 0.46
N LEU B 259 4.81 -25.31 -0.02
CA LEU B 259 3.40 -25.57 0.21
C LEU B 259 2.68 -25.65 -1.13
N VAL B 260 2.06 -26.79 -1.41
CA VAL B 260 1.16 -26.90 -2.55
C VAL B 260 -0.25 -26.89 -2.01
N ASN B 261 -1.01 -25.87 -2.42
CA ASN B 261 -2.31 -25.59 -1.85
C ASN B 261 -3.41 -25.64 -2.90
N GLY B 262 -4.41 -26.50 -2.66
CA GLY B 262 -5.53 -26.63 -3.57
C GLY B 262 -6.56 -25.54 -3.36
N MET B 263 -7.28 -25.18 -4.43
CA MET B 263 -8.22 -24.08 -4.36
C MET B 263 -9.65 -24.47 -3.92
N GLY B 264 -9.90 -25.76 -3.73
CA GLY B 264 -11.19 -26.20 -3.23
C GLY B 264 -11.80 -27.39 -3.96
N ALA B 265 -11.76 -27.38 -5.28
CA ALA B 265 -12.39 -28.44 -6.08
C ALA B 265 -11.36 -29.27 -6.85
N THR B 266 -10.09 -29.13 -6.47
CA THR B 266 -9.03 -29.92 -7.07
C THR B 266 -8.69 -31.11 -6.18
N PRO B 267 -8.89 -32.32 -6.70
CA PRO B 267 -8.61 -33.54 -5.94
C PRO B 267 -7.16 -33.59 -5.45
N LEU B 268 -6.94 -34.25 -4.31
CA LEU B 268 -5.59 -34.39 -3.76
C LEU B 268 -4.66 -35.10 -4.75
N MET B 269 -5.19 -36.10 -5.43
CA MET B 269 -4.44 -36.81 -6.46
C MET B 269 -3.70 -35.82 -7.36
N GLU B 270 -4.42 -34.81 -7.82
CA GLU B 270 -3.86 -33.84 -8.76
C GLU B 270 -2.83 -32.93 -8.10
N GLN B 271 -3.02 -32.64 -6.82
CA GLN B 271 -2.06 -31.83 -6.08
C GLN B 271 -0.74 -32.57 -5.86
N PHE B 272 -0.81 -33.88 -5.67
CA PHE B 272 0.41 -34.67 -5.50
C PHE B 272 1.13 -34.94 -6.83
N ILE B 273 0.37 -35.10 -7.91
CA ILE B 273 0.95 -35.19 -9.24
C ILE B 273 1.68 -33.89 -9.54
N PHE B 274 1.10 -32.80 -9.08
CA PHE B 274 1.72 -31.50 -9.26
C PHE B 274 2.96 -31.37 -8.39
N MET B 275 2.87 -31.86 -7.16
CA MET B 275 4.01 -31.84 -6.26
C MET B 275 5.16 -32.59 -6.91
N ASN B 276 4.83 -33.74 -7.48
CA ASN B 276 5.83 -34.57 -8.14
C ASN B 276 6.58 -33.80 -9.23
N ASP B 277 5.83 -33.09 -10.05
CA ASP B 277 6.42 -32.29 -11.12
C ASP B 277 7.32 -31.18 -10.59
N VAL B 278 6.87 -30.53 -9.51
CA VAL B 278 7.66 -29.49 -8.86
C VAL B 278 8.98 -30.06 -8.39
N ALA B 279 8.93 -31.21 -7.72
CA ALA B 279 10.12 -31.87 -7.24
C ALA B 279 11.11 -32.07 -8.38
N LYS B 280 10.62 -32.57 -9.50
CA LYS B 280 11.46 -32.78 -10.67
C LYS B 280 12.11 -31.48 -11.13
N LEU B 281 11.30 -30.43 -11.26
CA LEU B 281 11.80 -29.15 -11.73
C LEU B 281 12.83 -28.52 -10.78
N LEU B 282 12.80 -28.93 -9.52
CA LEU B 282 13.68 -28.33 -8.51
C LEU B 282 15.01 -29.07 -8.34
N THR B 283 15.02 -30.37 -8.67
CA THR B 283 16.24 -31.16 -8.51
C THR B 283 17.42 -30.51 -9.24
N GLU B 284 17.13 -29.86 -10.36
CA GLU B 284 18.14 -29.16 -11.15
C GLU B 284 18.80 -28.04 -10.35
N GLU B 285 18.04 -27.45 -9.44
CA GLU B 285 18.48 -26.26 -8.70
C GLU B 285 19.42 -26.59 -7.55
N ASN B 286 19.44 -27.86 -7.15
CA ASN B 286 20.29 -28.26 -6.04
C ASN B 286 20.07 -27.37 -4.82
N ILE B 287 18.81 -27.10 -4.52
CA ILE B 287 18.43 -26.41 -3.30
C ILE B 287 17.93 -27.45 -2.28
N GLU B 288 17.86 -27.04 -1.03
CA GLU B 288 17.50 -27.96 0.04
C GLU B 288 16.06 -27.70 0.48
N ILE B 289 15.18 -28.66 0.23
CA ILE B 289 13.78 -28.54 0.67
C ILE B 289 13.56 -29.23 2.02
N LEU B 290 13.43 -28.42 3.06
CA LEU B 290 13.37 -28.91 4.43
C LEU B 290 11.94 -29.01 4.97
N PHE B 291 10.99 -28.46 4.23
CA PHE B 291 9.60 -28.47 4.67
C PHE B 291 8.66 -28.62 3.49
N LYS B 292 7.75 -29.59 3.56
CA LYS B 292 6.83 -29.85 2.46
C LYS B 292 5.43 -30.03 3.00
N LYS B 293 4.44 -29.55 2.26
CA LYS B 293 3.06 -29.61 2.73
C LYS B 293 2.11 -29.49 1.56
N VAL B 294 1.11 -30.37 1.53
CA VAL B 294 0.16 -30.42 0.44
C VAL B 294 -1.27 -30.48 0.97
N GLY B 295 -2.18 -29.74 0.33
CA GLY B 295 -3.58 -29.81 0.69
C GLY B 295 -4.37 -28.52 0.52
N ASN B 296 -5.63 -28.55 0.97
CA ASN B 296 -6.51 -27.38 0.92
C ASN B 296 -6.40 -26.55 2.20
N TYR B 297 -5.57 -25.52 2.17
CA TYR B 297 -5.33 -24.70 3.35
C TYR B 297 -5.89 -23.28 3.23
N MET B 298 -5.93 -22.75 2.01
CA MET B 298 -6.64 -21.50 1.72
C MET B 298 -7.30 -21.60 0.36
N THR B 299 -8.59 -21.90 0.37
CA THR B 299 -9.32 -22.22 -0.84
C THR B 299 -10.04 -21.01 -1.40
N SER B 300 -10.85 -21.25 -2.42
CA SER B 300 -11.65 -20.20 -3.03
C SER B 300 -12.99 -20.81 -3.42
N ILE B 301 -13.78 -21.14 -2.40
CA ILE B 301 -15.06 -21.82 -2.61
C ILE B 301 -14.88 -23.14 -3.35
N ASP B 302 -15.32 -23.19 -4.60
CA ASP B 302 -15.30 -24.41 -5.40
C ASP B 302 -14.39 -24.27 -6.63
N MET B 303 -13.48 -23.31 -6.57
CA MET B 303 -12.50 -23.13 -7.64
C MET B 303 -11.67 -24.39 -7.86
N ALA B 304 -11.50 -24.76 -9.12
CA ALA B 304 -10.54 -25.80 -9.46
C ALA B 304 -9.22 -25.08 -9.71
N GLY B 305 -8.17 -25.54 -9.05
CA GLY B 305 -6.87 -24.92 -9.22
C GLY B 305 -6.00 -25.17 -8.01
N LEU B 306 -4.81 -24.59 -8.04
CA LEU B 306 -3.89 -24.69 -6.92
C LEU B 306 -2.86 -23.57 -6.98
N SER B 307 -2.06 -23.47 -5.93
CA SER B 307 -0.97 -22.50 -5.91
C SER B 307 0.28 -23.14 -5.34
N LEU B 308 1.42 -22.54 -5.63
CA LEU B 308 2.68 -23.02 -5.13
C LEU B 308 3.31 -21.93 -4.28
N THR B 309 3.63 -22.28 -3.05
CA THR B 309 4.23 -21.32 -2.12
C THR B 309 5.60 -21.80 -1.69
N MET B 310 6.59 -20.92 -1.77
CA MET B 310 7.90 -21.24 -1.23
C MET B 310 8.32 -20.22 -0.19
N ILE B 311 8.84 -20.71 0.92
CA ILE B 311 9.41 -19.85 1.93
C ILE B 311 10.89 -20.09 2.03
N LYS B 312 11.68 -19.04 1.81
CA LYS B 312 13.12 -19.14 1.99
C LYS B 312 13.39 -19.27 3.48
N LEU B 313 14.10 -20.33 3.86
CA LEU B 313 14.37 -20.59 5.26
C LEU B 313 15.69 -19.97 5.71
N GLU B 314 15.69 -18.65 5.84
CA GLU B 314 16.88 -17.90 6.24
C GLU B 314 16.97 -17.72 7.76
N ASP B 315 16.75 -18.82 8.49
CA ASP B 315 16.81 -18.82 9.94
C ASP B 315 16.29 -20.16 10.46
N ASP B 316 17.12 -20.89 11.17
CA ASP B 316 16.75 -22.21 11.67
C ASP B 316 15.49 -22.16 12.53
N GLN B 317 15.20 -21.00 13.11
CA GLN B 317 14.04 -20.88 13.98
C GLN B 317 12.75 -21.06 13.20
N TRP B 318 12.72 -20.53 11.98
CA TRP B 318 11.53 -20.61 11.13
C TRP B 318 11.09 -22.05 10.92
N LEU B 319 12.04 -22.94 10.65
CA LEU B 319 11.71 -24.35 10.47
C LEU B 319 11.18 -24.95 11.77
N LYS B 320 11.89 -24.69 12.86
CA LYS B 320 11.46 -25.17 14.16
C LYS B 320 10.02 -24.71 14.45
N ASN B 321 9.71 -23.48 14.08
CA ASN B 321 8.36 -22.94 14.30
C ASN B 321 7.32 -23.61 13.38
N LEU B 322 7.71 -23.89 12.14
CA LEU B 322 6.84 -24.60 11.24
C LEU B 322 6.49 -25.98 11.79
N ASN B 323 7.41 -26.55 12.55
CA ASN B 323 7.23 -27.90 13.10
C ASN B 323 6.81 -27.88 14.57
N GLU B 324 6.68 -26.70 15.14
CA GLU B 324 6.25 -26.54 16.53
C GLU B 324 4.88 -27.18 16.73
N ASP B 325 4.59 -27.59 17.96
CA ASP B 325 3.28 -28.13 18.30
C ASP B 325 2.16 -27.10 18.14
N VAL B 326 1.02 -27.54 17.62
CA VAL B 326 -0.18 -26.72 17.52
C VAL B 326 -1.42 -27.59 17.70
N LYS B 327 -2.51 -26.98 18.14
CA LYS B 327 -3.78 -27.70 18.28
C LYS B 327 -4.86 -26.86 17.64
N THR B 328 -4.97 -26.99 16.33
CA THR B 328 -6.01 -26.32 15.56
C THR B 328 -6.84 -27.37 14.86
N ILE B 329 -7.92 -26.93 14.23
CA ILE B 329 -8.81 -27.83 13.52
C ILE B 329 -8.14 -28.36 12.26
N SER B 330 -7.40 -27.49 11.58
CA SER B 330 -6.86 -27.81 10.26
C SER B 330 -5.34 -27.96 10.22
N TRP B 331 -4.70 -28.02 11.38
CA TRP B 331 -3.27 -28.26 11.44
C TRP B 331 -2.89 -29.00 12.73
N GLU C 4 -42.99 -2.30 6.25
CA GLU C 4 -41.96 -1.35 6.62
C GLU C 4 -41.37 -0.60 5.43
N LYS C 5 -40.76 -1.32 4.51
CA LYS C 5 -40.03 -0.68 3.41
C LYS C 5 -40.53 -1.02 2.01
N ILE C 6 -40.45 -0.05 1.12
CA ILE C 6 -40.67 -0.26 -0.30
C ILE C 6 -39.32 -0.50 -0.96
N ILE C 7 -38.94 -1.77 -1.06
CA ILE C 7 -37.67 -2.13 -1.66
C ILE C 7 -37.80 -3.44 -2.40
N ASN C 8 -36.74 -3.83 -3.10
CA ASN C 8 -36.70 -5.14 -3.69
C ASN C 8 -35.73 -6.01 -2.88
N GLN C 9 -34.69 -6.52 -3.51
CA GLN C 9 -33.68 -7.25 -2.75
C GLN C 9 -32.77 -6.30 -2.00
N PRO C 10 -32.72 -6.44 -0.67
CA PRO C 10 -31.99 -5.57 0.26
C PRO C 10 -30.56 -5.22 -0.18
N GLN C 11 -29.90 -6.11 -0.94
CA GLN C 11 -28.54 -5.86 -1.39
C GLN C 11 -28.49 -5.08 -2.70
N ASP C 12 -29.66 -4.76 -3.23
CA ASP C 12 -29.77 -4.01 -4.49
C ASP C 12 -30.22 -2.57 -4.31
N VAL C 13 -30.51 -2.17 -3.07
CA VAL C 13 -31.13 -0.88 -2.83
C VAL C 13 -30.34 0.31 -3.39
N VAL C 14 -29.02 0.26 -3.27
CA VAL C 14 -28.18 1.37 -3.71
C VAL C 14 -28.17 1.48 -5.23
N SER C 15 -27.99 0.35 -5.91
CA SER C 15 -27.94 0.36 -7.36
C SER C 15 -29.31 0.72 -7.96
N GLU C 16 -30.36 0.11 -7.43
CA GLU C 16 -31.70 0.37 -7.93
C GLU C 16 -32.11 1.84 -7.70
N MET C 17 -31.69 2.40 -6.57
CA MET C 17 -31.98 3.80 -6.29
C MET C 17 -31.28 4.74 -7.25
N LEU C 18 -29.99 4.48 -7.48
CA LEU C 18 -29.19 5.30 -8.38
C LEU C 18 -29.72 5.23 -9.81
N ASP C 19 -30.26 4.07 -10.19
CA ASP C 19 -30.88 3.91 -11.50
C ASP C 19 -32.19 4.68 -11.57
N GLY C 20 -32.91 4.73 -10.45
CA GLY C 20 -34.12 5.50 -10.34
C GLY C 20 -33.79 6.98 -10.39
N LEU C 21 -32.69 7.34 -9.75
CA LEU C 21 -32.24 8.72 -9.69
C LEU C 21 -31.88 9.26 -11.09
N THR C 22 -31.08 8.51 -11.84
CA THR C 22 -30.63 8.94 -13.16
C THR C 22 -31.75 8.93 -14.20
N TYR C 23 -32.65 7.97 -14.08
CA TYR C 23 -33.83 7.93 -14.94
C TYR C 23 -34.64 9.21 -14.76
N ALA C 24 -34.83 9.60 -13.50
CA ALA C 24 -35.67 10.73 -13.18
C ALA C 24 -35.00 12.05 -13.52
N TYR C 25 -33.71 12.15 -13.23
CA TYR C 25 -33.01 13.42 -13.35
C TYR C 25 -31.76 13.41 -14.24
N GLY C 26 -31.87 12.87 -15.46
CA GLY C 26 -30.83 13.02 -16.47
C GLY C 26 -30.36 14.46 -16.53
N ASP C 27 -29.25 14.70 -15.85
CA ASP C 27 -28.79 16.03 -15.45
C ASP C 27 -27.69 15.69 -14.46
N LEU C 28 -27.75 14.45 -14.00
CA LEU C 28 -26.68 13.77 -13.32
C LEU C 28 -26.48 12.52 -14.16
N ILE C 29 -25.37 11.83 -13.93
CA ILE C 29 -25.13 10.54 -14.58
C ILE C 29 -24.47 9.60 -13.60
N GLU C 30 -24.70 8.30 -13.79
CA GLU C 30 -23.95 7.32 -13.02
C GLU C 30 -22.75 6.89 -13.83
N LYS C 31 -21.57 7.02 -13.24
CA LYS C 31 -20.33 6.60 -13.90
C LYS C 31 -20.42 5.15 -14.34
N VAL C 32 -20.00 4.90 -15.58
CA VAL C 32 -19.92 3.57 -16.16
C VAL C 32 -20.40 2.51 -15.19
N PRO C 33 -21.64 2.01 -15.41
CA PRO C 33 -22.49 1.11 -14.61
C PRO C 33 -21.72 0.07 -13.81
N ASP C 34 -20.60 0.49 -13.24
CA ASP C 34 -19.74 -0.38 -12.46
C ASP C 34 -19.44 0.35 -11.17
N PHE C 35 -19.79 1.63 -11.14
CA PHE C 35 -19.53 2.46 -9.96
C PHE C 35 -20.77 3.18 -9.43
N GLU C 36 -20.90 3.22 -8.12
CA GLU C 36 -21.98 3.95 -7.48
C GLU C 36 -21.53 5.39 -7.25
N ILE C 37 -21.28 6.09 -8.34
CA ILE C 37 -20.91 7.48 -8.31
C ILE C 37 -21.87 8.29 -9.15
N ILE C 38 -22.37 9.37 -8.58
CA ILE C 38 -23.26 10.27 -9.31
C ILE C 38 -22.53 11.55 -9.62
N GLN C 39 -22.41 11.85 -10.90
CA GLN C 39 -21.63 12.99 -11.35
C GLN C 39 -22.52 13.96 -12.10
N ARG C 40 -22.20 15.25 -12.02
CA ARG C 40 -22.99 16.25 -12.70
C ARG C 40 -22.73 16.26 -14.20
N LYS C 41 -23.79 16.46 -14.98
CA LYS C 41 -23.67 16.53 -16.43
C LYS C 41 -23.12 17.88 -16.90
N SER C 42 -23.08 18.85 -15.99
CA SER C 42 -22.57 20.18 -16.30
C SER C 42 -21.15 20.09 -16.90
N PRO C 43 -20.97 20.69 -18.08
CA PRO C 43 -19.71 20.55 -18.82
C PRO C 43 -18.51 21.04 -18.02
N LYS C 44 -17.42 20.29 -18.07
CA LYS C 44 -16.19 20.68 -17.38
C LYS C 44 -15.69 21.99 -17.96
N SER C 45 -15.14 22.84 -17.09
CA SER C 45 -14.66 24.14 -17.54
C SER C 45 -13.57 24.72 -16.63
N GLY C 46 -12.63 23.87 -16.23
CA GLY C 46 -11.50 24.31 -15.42
C GLY C 46 -11.81 24.80 -14.02
N LYS C 47 -12.96 24.40 -13.49
CA LYS C 47 -13.33 24.74 -12.11
C LYS C 47 -12.75 23.69 -11.18
N VAL C 48 -12.41 24.10 -9.96
CA VAL C 48 -12.06 23.13 -8.94
C VAL C 48 -13.25 22.18 -8.77
N ALA C 49 -12.97 20.88 -8.75
CA ALA C 49 -14.03 19.89 -8.57
C ALA C 49 -14.21 19.54 -7.10
N LEU C 50 -15.47 19.48 -6.67
CA LEU C 50 -15.80 19.08 -5.31
C LEU C 50 -16.34 17.66 -5.33
N VAL C 51 -15.80 16.81 -4.46
CA VAL C 51 -16.27 15.45 -4.37
C VAL C 51 -16.61 15.11 -2.93
N SER C 52 -17.77 14.52 -2.74
CA SER C 52 -18.18 14.09 -1.42
C SER C 52 -18.89 12.76 -1.51
N GLY C 53 -19.43 12.30 -0.40
CA GLY C 53 -20.10 11.01 -0.36
C GLY C 53 -20.07 10.45 1.04
N GLY C 54 -20.49 9.20 1.15
CA GLY C 54 -20.58 8.53 2.42
C GLY C 54 -21.55 7.38 2.28
N GLY C 55 -22.09 6.91 3.39
CA GLY C 55 -23.06 5.83 3.33
C GLY C 55 -24.31 6.26 2.61
N SER C 56 -25.03 5.29 2.05
CA SER C 56 -26.38 5.52 1.58
C SER C 56 -27.30 5.52 2.80
N GLY C 57 -28.50 6.05 2.65
CA GLY C 57 -29.43 6.14 3.76
C GLY C 57 -29.58 7.54 4.32
N HIS C 58 -28.86 8.50 3.74
CA HIS C 58 -28.96 9.89 4.16
C HIS C 58 -29.55 10.79 3.08
N GLU C 59 -30.15 10.20 2.06
CA GLU C 59 -30.67 10.95 0.93
C GLU C 59 -31.56 12.10 1.42
N PRO C 60 -31.47 13.26 0.77
CA PRO C 60 -30.74 13.47 -0.49
C PRO C 60 -29.24 13.70 -0.30
N ALA C 61 -28.73 13.55 0.91
CA ALA C 61 -27.35 13.93 1.18
C ALA C 61 -26.39 13.39 0.12
N HIS C 62 -25.72 14.33 -0.52
CA HIS C 62 -24.66 14.07 -1.49
C HIS C 62 -25.16 13.94 -2.93
N ALA C 63 -25.85 12.87 -3.28
CA ALA C 63 -26.28 12.75 -4.67
C ALA C 63 -27.22 13.88 -5.09
N GLY C 64 -28.08 14.32 -4.16
CA GLY C 64 -29.00 15.39 -4.45
C GLY C 64 -28.36 16.77 -4.55
N PHE C 65 -27.11 16.87 -4.10
CA PHE C 65 -26.38 18.14 -4.16
C PHE C 65 -25.27 18.10 -5.20
N VAL C 66 -25.42 17.20 -6.17
CA VAL C 66 -24.53 17.13 -7.30
C VAL C 66 -25.06 17.98 -8.44
N GLY C 67 -24.35 19.05 -8.77
CA GLY C 67 -24.76 19.91 -9.86
C GLY C 67 -23.89 21.14 -9.97
N GLU C 68 -24.12 21.92 -11.02
CA GLU C 68 -23.44 23.19 -11.17
C GLU C 68 -23.67 24.06 -9.92
N GLY C 69 -22.58 24.56 -9.35
CA GLY C 69 -22.67 25.40 -8.17
C GLY C 69 -22.46 24.64 -6.88
N MET C 70 -22.55 23.31 -6.93
CA MET C 70 -22.24 22.49 -5.76
C MET C 70 -21.24 21.38 -6.11
N LEU C 71 -21.57 20.14 -5.76
CA LEU C 71 -20.66 19.01 -5.95
C LEU C 71 -20.48 18.57 -7.41
N SER C 72 -19.28 18.12 -7.74
CA SER C 72 -19.03 17.52 -9.04
C SER C 72 -19.56 16.10 -9.07
N ALA C 73 -19.31 15.37 -7.99
CA ALA C 73 -19.73 13.98 -7.92
C ALA C 73 -19.96 13.56 -6.47
N ALA C 74 -20.82 12.57 -6.29
CA ALA C 74 -21.04 12.01 -4.97
C ALA C 74 -20.83 10.50 -5.02
N VAL C 75 -20.10 9.99 -4.06
CA VAL C 75 -19.76 8.59 -4.05
C VAL C 75 -20.61 7.87 -3.00
N CYS C 76 -21.50 7.01 -3.46
CA CYS C 76 -22.48 6.41 -2.57
C CYS C 76 -22.08 5.02 -2.11
N GLY C 77 -21.90 4.87 -0.80
CA GLY C 77 -21.51 3.59 -0.24
C GLY C 77 -22.71 2.70 -0.01
N ALA C 78 -22.49 1.57 0.66
CA ALA C 78 -23.59 0.74 1.10
C ALA C 78 -24.33 1.51 2.18
N ILE C 79 -25.51 1.01 2.57
CA ILE C 79 -26.30 1.68 3.60
C ILE C 79 -25.45 1.95 4.85
N PHE C 80 -25.43 3.22 5.28
CA PHE C 80 -24.68 3.62 6.47
C PHE C 80 -23.21 3.20 6.42
N THR C 81 -22.67 3.02 5.22
CA THR C 81 -21.29 2.56 5.11
C THR C 81 -20.50 3.41 4.14
N SER C 82 -19.31 3.82 4.56
CA SER C 82 -18.47 4.64 3.71
C SER C 82 -18.22 3.93 2.39
N PRO C 83 -18.08 4.71 1.31
CA PRO C 83 -17.67 4.15 0.02
C PRO C 83 -16.25 3.58 0.12
N THR C 84 -15.92 2.65 -0.76
CA THR C 84 -14.57 2.08 -0.80
C THR C 84 -13.59 2.99 -1.55
N PRO C 85 -12.30 2.91 -1.22
CA PRO C 85 -11.31 3.85 -1.75
C PRO C 85 -11.26 3.84 -3.26
N ASP C 86 -11.51 2.69 -3.87
CA ASP C 86 -11.50 2.57 -5.34
C ASP C 86 -12.63 3.36 -5.98
N GLN C 87 -13.82 3.28 -5.38
CA GLN C 87 -14.97 4.04 -5.84
C GLN C 87 -14.66 5.52 -5.77
N ILE C 88 -14.13 5.94 -4.62
CA ILE C 88 -13.78 7.34 -4.41
C ILE C 88 -12.67 7.78 -5.36
N TYR C 89 -11.65 6.94 -5.49
CA TYR C 89 -10.56 7.21 -6.43
C TYR C 89 -11.08 7.42 -7.85
N GLU C 90 -12.01 6.58 -8.26
CA GLU C 90 -12.59 6.70 -9.59
C GLU C 90 -13.34 8.02 -9.75
N ALA C 91 -13.99 8.46 -8.67
CA ALA C 91 -14.74 9.70 -8.73
C ALA C 91 -13.79 10.89 -8.77
N ILE C 92 -12.68 10.79 -8.05
CA ILE C 92 -11.68 11.85 -8.09
C ILE C 92 -11.16 12.08 -9.51
N LYS C 93 -10.70 11.01 -10.17
CA LYS C 93 -10.09 11.19 -11.48
C LYS C 93 -11.09 11.51 -12.58
N SER C 94 -12.35 11.15 -12.35
CA SER C 94 -13.41 11.45 -13.32
C SER C 94 -14.02 12.85 -13.12
N ALA C 95 -13.83 13.43 -11.95
CA ALA C 95 -14.42 14.74 -11.66
C ALA C 95 -13.47 15.89 -11.97
N ASP C 96 -12.17 15.61 -11.94
CA ASP C 96 -11.14 16.62 -12.15
C ASP C 96 -11.36 17.37 -13.46
N GLU C 97 -11.18 18.68 -13.42
CA GLU C 97 -11.39 19.51 -14.59
C GLU C 97 -10.09 20.17 -14.99
N GLY C 98 -9.03 19.87 -14.25
CA GLY C 98 -7.72 20.42 -14.53
C GLY C 98 -7.27 21.40 -13.47
N ALA C 99 -8.16 21.67 -12.52
CA ALA C 99 -7.87 22.65 -11.48
C ALA C 99 -7.72 21.97 -10.13
N GLY C 100 -7.94 20.66 -10.10
CA GLY C 100 -7.82 19.90 -8.87
C GLY C 100 -9.15 19.55 -8.23
N VAL C 101 -9.07 18.77 -7.15
CA VAL C 101 -10.24 18.21 -6.49
C VAL C 101 -10.18 18.43 -4.99
N LEU C 102 -11.29 18.91 -4.42
CA LEU C 102 -11.40 19.02 -2.98
C LEU C 102 -12.31 17.91 -2.47
N LEU C 103 -11.82 17.14 -1.50
CA LEU C 103 -12.65 16.14 -0.86
C LEU C 103 -13.39 16.76 0.32
N ILE C 104 -14.70 16.61 0.34
CA ILE C 104 -15.50 17.04 1.48
C ILE C 104 -15.93 15.77 2.20
N ILE C 105 -15.36 15.57 3.38
CA ILE C 105 -15.52 14.32 4.10
C ILE C 105 -16.20 14.56 5.44
N LYS C 106 -17.22 13.78 5.72
CA LYS C 106 -17.89 13.85 7.03
C LYS C 106 -17.07 13.08 8.05
N ASN C 107 -16.89 13.66 9.24
CA ASN C 107 -15.99 13.06 10.22
C ASN C 107 -16.50 11.77 10.86
N TYR C 108 -16.11 10.65 10.27
CA TYR C 108 -16.40 9.32 10.81
C TYR C 108 -15.17 8.46 10.52
N LEU C 109 -14.89 7.51 11.40
CA LEU C 109 -13.69 6.68 11.24
C LEU C 109 -13.58 6.12 9.82
N GLY C 110 -14.63 5.44 9.37
CA GLY C 110 -14.65 4.86 8.04
C GLY C 110 -14.52 5.85 6.88
N ASP C 111 -15.38 6.86 6.84
CA ASP C 111 -15.34 7.84 5.76
C ASP C 111 -13.95 8.45 5.61
N VAL C 112 -13.34 8.85 6.72
CA VAL C 112 -12.05 9.54 6.69
C VAL C 112 -10.91 8.66 6.21
N MET C 113 -10.86 7.42 6.67
CA MET C 113 -9.82 6.52 6.19
C MET C 113 -9.97 6.30 4.69
N ASN C 114 -11.18 5.97 4.27
CA ASN C 114 -11.46 5.69 2.88
C ASN C 114 -11.17 6.84 1.93
N PHE C 115 -11.69 8.02 2.24
CA PHE C 115 -11.46 9.19 1.40
C PHE C 115 -9.98 9.55 1.34
N GLU C 116 -9.30 9.45 2.47
CA GLU C 116 -7.89 9.82 2.53
C GLU C 116 -7.04 8.82 1.77
N MET C 117 -7.44 7.56 1.81
CA MET C 117 -6.78 6.50 1.05
C MET C 117 -6.99 6.74 -0.44
N ALA C 118 -8.22 7.10 -0.81
CA ALA C 118 -8.54 7.45 -2.17
C ALA C 118 -7.69 8.64 -2.60
N ARG C 119 -7.59 9.64 -1.73
CA ARG C 119 -6.78 10.83 -2.00
C ARG C 119 -5.36 10.44 -2.39
N GLU C 120 -4.73 9.62 -1.54
CA GLU C 120 -3.39 9.13 -1.80
C GLU C 120 -3.28 8.43 -3.16
N MET C 121 -4.20 7.52 -3.44
CA MET C 121 -4.26 6.85 -4.74
C MET C 121 -4.29 7.88 -5.87
N ALA C 122 -5.18 8.86 -5.77
CA ALA C 122 -5.32 9.90 -6.79
C ALA C 122 -4.07 10.76 -6.93
N GLU C 123 -3.34 10.95 -5.83
CA GLU C 123 -2.13 11.77 -5.87
C GLU C 123 -0.98 11.05 -6.58
N MET C 124 -0.97 9.73 -6.50
CA MET C 124 0.03 8.92 -7.19
C MET C 124 -0.15 9.02 -8.70
N GLU C 125 -1.35 9.42 -9.12
CA GLU C 125 -1.63 9.66 -10.55
C GLU C 125 -1.45 11.14 -10.86
N GLU C 126 -0.81 11.85 -9.94
CA GLU C 126 -0.48 13.26 -10.13
C GLU C 126 -1.70 14.20 -10.14
N ILE C 127 -2.80 13.75 -9.53
CA ILE C 127 -3.96 14.62 -9.36
C ILE C 127 -3.80 15.46 -8.10
N LYS C 128 -4.02 16.76 -8.25
CA LYS C 128 -3.94 17.70 -7.12
C LYS C 128 -5.23 17.63 -6.31
N VAL C 129 -5.13 17.19 -5.07
CA VAL C 129 -6.32 17.09 -4.21
C VAL C 129 -6.11 17.63 -2.79
N GLU C 130 -7.07 18.41 -2.32
CA GLU C 130 -7.10 18.85 -0.93
C GLU C 130 -8.30 18.23 -0.24
N GLN C 131 -8.38 18.39 1.07
CA GLN C 131 -9.51 17.83 1.79
C GLN C 131 -10.01 18.74 2.90
N ILE C 132 -11.28 18.58 3.22
CA ILE C 132 -11.85 19.21 4.39
C ILE C 132 -12.69 18.19 5.13
N ILE C 133 -12.44 18.05 6.42
CA ILE C 133 -13.22 17.15 7.23
C ILE C 133 -14.25 17.94 8.02
N VAL C 134 -15.52 17.60 7.86
CA VAL C 134 -16.60 18.31 8.54
C VAL C 134 -16.98 17.63 9.86
N ASP C 135 -16.78 18.36 10.95
CA ASP C 135 -17.02 17.85 12.29
C ASP C 135 -17.93 18.82 13.07
N ASP C 136 -19.14 19.02 12.56
CA ASP C 136 -20.04 20.02 13.12
C ASP C 136 -20.89 19.56 14.32
N ASP C 137 -21.05 18.24 14.49
CA ASP C 137 -21.91 17.68 15.53
C ASP C 137 -21.31 17.90 16.91
N ILE C 138 -21.93 18.78 17.69
CA ILE C 138 -21.45 19.06 19.04
C ILE C 138 -22.09 18.15 20.10
N ALA C 139 -22.81 17.12 19.66
CA ALA C 139 -23.53 16.23 20.57
C ALA C 139 -22.66 15.61 21.68
N VAL C 140 -21.75 14.71 21.33
CA VAL C 140 -20.85 14.10 22.33
C VAL C 140 -20.18 12.87 21.79
N GLU C 141 -20.86 12.25 20.82
CA GLU C 141 -20.86 10.79 20.70
C GLU C 141 -19.83 10.03 21.53
N ASN C 142 -20.30 9.09 22.34
CA ASN C 142 -19.41 8.10 22.94
C ASN C 142 -18.98 7.12 21.85
N SER C 143 -19.47 7.35 20.63
CA SER C 143 -19.20 6.49 19.48
C SER C 143 -17.70 6.29 19.23
N LEU C 144 -17.31 5.02 19.11
CA LEU C 144 -15.93 4.67 18.82
C LEU C 144 -15.66 4.87 17.33
N TYR C 145 -16.70 5.20 16.59
CA TYR C 145 -16.56 5.35 15.16
C TYR C 145 -16.22 6.77 14.77
N THR C 146 -15.61 7.52 15.69
CA THR C 146 -15.34 8.90 15.34
C THR C 146 -14.30 9.58 16.21
N GLN C 147 -13.26 10.08 15.57
CA GLN C 147 -12.22 10.83 16.26
C GLN C 147 -12.61 12.30 16.30
N GLY C 148 -13.24 12.72 17.39
CA GLY C 148 -13.74 14.08 17.50
C GLY C 148 -15.26 14.17 17.29
N ARG C 149 -15.72 15.27 16.70
CA ARG C 149 -17.14 15.52 16.44
C ARG C 149 -17.63 14.92 15.11
N ARG C 150 -18.73 14.18 15.15
CA ARG C 150 -19.29 13.62 13.92
C ARG C 150 -19.65 14.69 12.91
N GLY C 151 -19.59 14.34 11.63
CA GLY C 151 -19.99 15.24 10.56
C GLY C 151 -21.45 15.01 10.17
N VAL C 152 -22.27 16.05 10.28
CA VAL C 152 -23.69 15.89 10.00
C VAL C 152 -24.26 16.94 9.05
N ALA C 153 -25.50 17.33 9.28
CA ALA C 153 -26.25 18.13 8.31
C ALA C 153 -25.55 19.40 7.84
N GLY C 154 -24.73 20.00 8.70
CA GLY C 154 -23.96 21.18 8.34
C GLY C 154 -23.09 20.98 7.11
N THR C 155 -22.74 19.72 6.84
CA THR C 155 -22.01 19.37 5.63
C THR C 155 -22.66 19.98 4.39
N VAL C 156 -23.99 20.00 4.37
CA VAL C 156 -24.73 20.50 3.22
C VAL C 156 -24.43 21.98 2.95
N LEU C 157 -24.24 22.73 4.03
CA LEU C 157 -23.89 24.15 3.90
C LEU C 157 -22.49 24.29 3.34
N VAL C 158 -21.58 23.45 3.84
CA VAL C 158 -20.21 23.40 3.33
C VAL C 158 -20.21 23.18 1.81
N HIS C 159 -21.02 22.22 1.35
CA HIS C 159 -21.14 21.97 -0.08
C HIS C 159 -21.50 23.27 -0.82
N LYS C 160 -22.53 23.94 -0.34
CA LYS C 160 -23.06 25.14 -0.98
C LYS C 160 -22.05 26.28 -1.00
N ILE C 161 -21.43 26.54 0.15
CA ILE C 161 -20.50 27.64 0.27
C ILE C 161 -19.26 27.40 -0.58
N LEU C 162 -18.67 26.20 -0.47
CA LEU C 162 -17.52 25.89 -1.29
C LEU C 162 -17.95 25.73 -2.74
N GLY C 163 -19.17 25.24 -2.92
CA GLY C 163 -19.72 25.04 -4.25
C GLY C 163 -19.66 26.34 -5.04
N ALA C 164 -20.08 27.42 -4.40
CA ALA C 164 -20.13 28.72 -5.01
C ALA C 164 -18.73 29.21 -5.34
N ALA C 165 -17.83 29.08 -4.37
CA ALA C 165 -16.45 29.51 -4.55
C ALA C 165 -15.83 28.82 -5.76
N ALA C 166 -16.00 27.51 -5.85
CA ALA C 166 -15.46 26.74 -6.96
C ALA C 166 -16.07 27.24 -8.26
N HIS C 167 -17.36 27.54 -8.22
CA HIS C 167 -18.05 28.02 -9.41
C HIS C 167 -17.56 29.41 -9.80
N GLN C 168 -17.02 30.14 -8.83
CA GLN C 168 -16.50 31.49 -9.07
C GLN C 168 -15.03 31.46 -9.46
N GLU C 169 -14.54 30.28 -9.81
CA GLU C 169 -13.19 30.09 -10.32
C GLU C 169 -12.09 30.38 -9.28
N ALA C 170 -12.40 30.10 -8.02
CA ALA C 170 -11.37 30.15 -6.98
C ALA C 170 -10.43 28.94 -7.12
N SER C 171 -9.19 29.09 -6.68
CA SER C 171 -8.20 28.02 -6.78
C SER C 171 -8.35 27.00 -5.66
N LEU C 172 -7.82 25.81 -5.89
CA LEU C 172 -7.85 24.76 -4.88
C LEU C 172 -7.41 25.29 -3.52
N ASP C 173 -6.31 26.04 -3.51
CA ASP C 173 -5.75 26.57 -2.28
C ASP C 173 -6.73 27.47 -1.54
N GLU C 174 -7.28 28.46 -2.24
CA GLU C 174 -8.24 29.41 -1.67
C GLU C 174 -9.46 28.70 -1.10
N ILE C 175 -10.01 27.79 -1.89
CA ILE C 175 -11.13 26.96 -1.45
C ILE C 175 -10.78 26.14 -0.23
N LYS C 176 -9.56 25.61 -0.18
CA LYS C 176 -9.11 24.87 0.99
C LYS C 176 -9.11 25.77 2.21
N ASP C 177 -8.55 26.97 2.07
CA ASP C 177 -8.51 27.96 3.17
C ASP C 177 -9.89 28.35 3.65
N LEU C 178 -10.81 28.54 2.71
CA LEU C 178 -12.20 28.90 3.03
C LEU C 178 -12.92 27.79 3.80
N ALA C 179 -12.72 26.56 3.35
CA ALA C 179 -13.31 25.38 3.99
C ALA C 179 -12.93 25.29 5.46
N ASP C 180 -11.65 25.52 5.73
CA ASP C 180 -11.13 25.49 7.10
C ASP C 180 -11.82 26.52 7.99
N LYS C 181 -11.98 27.75 7.50
CA LYS C 181 -12.64 28.80 8.26
C LYS C 181 -14.13 28.53 8.41
N VAL C 182 -14.74 28.05 7.33
CA VAL C 182 -16.17 27.79 7.31
C VAL C 182 -16.58 26.66 8.25
N VAL C 183 -15.93 25.51 8.14
CA VAL C 183 -16.24 24.36 8.99
C VAL C 183 -16.15 24.65 10.50
N LYS C 184 -15.22 25.53 10.88
CA LYS C 184 -15.08 25.90 12.28
C LYS C 184 -16.26 26.73 12.78
N ASN C 185 -17.01 27.32 11.85
CA ASN C 185 -18.12 28.18 12.23
C ASN C 185 -19.49 27.54 12.03
N ILE C 186 -19.49 26.23 11.81
CA ILE C 186 -20.73 25.49 11.62
C ILE C 186 -20.91 24.49 12.75
N LYS C 187 -22.00 24.62 13.50
CA LYS C 187 -22.27 23.72 14.61
C LYS C 187 -23.70 23.20 14.58
N THR C 188 -23.84 21.92 14.91
CA THR C 188 -25.13 21.24 14.78
C THR C 188 -25.39 20.32 15.94
N ILE C 189 -26.66 20.23 16.33
CA ILE C 189 -27.09 19.25 17.32
C ILE C 189 -28.50 18.76 16.94
N GLY C 190 -28.72 17.47 17.10
CA GLY C 190 -29.99 16.89 16.71
C GLY C 190 -30.55 15.99 17.79
N LEU C 191 -31.70 15.37 17.49
CA LEU C 191 -32.36 14.50 18.43
C LEU C 191 -33.19 13.50 17.65
N ALA C 192 -33.55 12.40 18.28
CA ALA C 192 -34.34 11.39 17.61
C ALA C 192 -35.52 10.95 18.45
N LEU C 193 -36.65 10.71 17.80
CA LEU C 193 -37.81 10.13 18.47
C LEU C 193 -37.85 8.63 18.21
N SER C 194 -37.07 8.20 17.23
CA SER C 194 -37.03 6.80 16.82
C SER C 194 -35.74 6.55 16.04
N ALA C 195 -35.34 5.30 15.98
CA ALA C 195 -34.10 4.92 15.29
C ALA C 195 -34.40 4.47 13.88
N ALA C 196 -33.40 4.58 13.01
CA ALA C 196 -33.53 4.12 11.63
C ALA C 196 -33.63 2.61 11.61
N THR C 197 -34.39 2.09 10.65
CA THR C 197 -34.45 0.66 10.41
C THR C 197 -33.66 0.36 9.15
N VAL C 198 -32.63 -0.48 9.26
CA VAL C 198 -31.78 -0.80 8.12
C VAL C 198 -32.31 -2.03 7.38
N PRO C 199 -32.46 -1.93 6.03
CA PRO C 199 -32.98 -3.02 5.20
C PRO C 199 -32.24 -4.33 5.44
N ASP C 210 -39.58 3.72 23.81
CA ASP C 210 -40.91 4.14 23.39
C ASP C 210 -41.41 5.34 24.19
N ASN C 211 -42.07 6.26 23.51
CA ASN C 211 -42.44 7.54 24.10
C ASN C 211 -41.23 8.23 24.73
N GLU C 212 -40.05 7.88 24.23
CA GLU C 212 -38.82 8.49 24.69
C GLU C 212 -38.14 9.18 23.51
N ILE C 213 -37.28 10.14 23.81
CA ILE C 213 -36.48 10.80 22.79
C ILE C 213 -35.01 10.72 23.21
N GLU C 214 -34.12 10.72 22.23
CA GLU C 214 -32.70 10.78 22.54
C GLU C 214 -32.01 11.98 21.91
N TYR C 215 -31.35 12.78 22.74
CA TYR C 215 -30.60 13.94 22.27
C TYR C 215 -29.24 13.49 21.73
N GLY C 216 -28.78 14.15 20.67
CA GLY C 216 -27.46 13.89 20.13
C GLY C 216 -27.29 12.58 19.38
N VAL C 217 -28.38 11.98 18.92
CA VAL C 217 -28.30 10.76 18.13
C VAL C 217 -27.50 10.97 16.85
N GLY C 218 -26.74 9.95 16.45
CA GLY C 218 -25.96 10.02 15.24
C GLY C 218 -26.79 9.67 14.01
N ILE C 219 -26.36 10.15 12.84
CA ILE C 219 -27.10 9.89 11.61
C ILE C 219 -27.03 8.44 11.14
N HIS C 220 -26.18 7.63 11.78
CA HIS C 220 -26.14 6.20 11.52
C HIS C 220 -26.88 5.45 12.63
N SER C 221 -27.70 6.18 13.39
CA SER C 221 -28.33 5.64 14.60
C SER C 221 -27.34 5.42 15.74
N GLU C 222 -26.24 6.17 15.74
CA GLU C 222 -25.32 6.16 16.88
C GLU C 222 -26.05 6.69 18.10
N PRO C 223 -25.65 6.22 19.29
CA PRO C 223 -26.22 6.70 20.55
C PRO C 223 -25.89 8.18 20.81
N GLY C 224 -26.75 8.84 21.57
CA GLY C 224 -26.55 10.23 21.94
C GLY C 224 -25.98 10.37 23.34
N TYR C 225 -26.27 11.50 24.00
CA TYR C 225 -25.74 11.78 25.32
C TYR C 225 -26.78 11.68 26.43
N ARG C 226 -28.05 11.91 26.09
CA ARG C 226 -29.11 11.87 27.08
C ARG C 226 -30.40 11.32 26.51
N ARG C 227 -30.96 10.31 27.18
CA ARG C 227 -32.29 9.84 26.85
C ARG C 227 -33.30 10.48 27.79
N GLU C 228 -34.48 10.80 27.27
CA GLU C 228 -35.48 11.53 28.04
C GLU C 228 -36.86 11.05 27.66
N LYS C 229 -37.79 11.06 28.61
CA LYS C 229 -39.19 10.79 28.30
C LYS C 229 -39.73 11.94 27.46
N MET C 230 -40.81 11.69 26.72
CA MET C 230 -41.31 12.65 25.74
C MET C 230 -41.34 14.09 26.24
N LYS C 231 -40.79 14.99 25.43
CA LYS C 231 -40.81 16.41 25.71
C LYS C 231 -41.55 17.13 24.59
N THR C 232 -42.02 18.34 24.87
CA THR C 232 -42.73 19.10 23.88
C THR C 232 -41.75 19.70 22.88
N SER C 233 -42.25 20.15 21.75
CA SER C 233 -41.42 20.83 20.76
C SER C 233 -40.59 21.94 21.39
N TYR C 234 -41.26 22.83 22.11
CA TYR C 234 -40.58 23.94 22.76
C TYR C 234 -39.49 23.47 23.72
N GLU C 235 -39.75 22.43 24.49
CA GLU C 235 -38.76 21.91 25.44
C GLU C 235 -37.55 21.37 24.70
N LEU C 236 -37.79 20.62 23.61
CA LEU C 236 -36.71 20.09 22.79
C LEU C 236 -35.89 21.23 22.19
N ALA C 237 -36.60 22.25 21.69
CA ALA C 237 -35.94 23.39 21.08
C ALA C 237 -35.06 24.07 22.11
N THR C 238 -35.54 24.10 23.35
CA THR C 238 -34.84 24.76 24.44
C THR C 238 -33.51 24.07 24.68
N GLU C 239 -33.51 22.75 24.61
CA GLU C 239 -32.30 21.97 24.77
C GLU C 239 -31.30 22.27 23.65
N LEU C 240 -31.76 22.23 22.40
CA LEU C 240 -30.89 22.39 21.24
C LEU C 240 -30.30 23.80 21.13
N VAL C 241 -31.15 24.82 21.20
CA VAL C 241 -30.65 26.19 21.13
C VAL C 241 -29.74 26.45 22.32
N GLY C 242 -30.09 25.85 23.45
CA GLY C 242 -29.30 25.99 24.67
C GLY C 242 -27.88 25.49 24.46
N LYS C 243 -27.75 24.32 23.85
CA LYS C 243 -26.44 23.74 23.55
C LYS C 243 -25.64 24.58 22.55
N LEU C 244 -26.29 25.01 21.47
CA LEU C 244 -25.65 25.84 20.47
C LEU C 244 -25.24 27.21 21.01
N LYS C 245 -25.99 27.72 21.98
CA LYS C 245 -25.67 28.98 22.61
C LYS C 245 -24.39 28.87 23.43
N GLU C 246 -24.24 27.75 24.15
CA GLU C 246 -23.03 27.48 24.91
C GLU C 246 -21.82 27.37 23.98
N GLU C 247 -22.02 26.77 22.80
CA GLU C 247 -20.94 26.57 21.84
C GLU C 247 -20.47 27.89 21.21
N PHE C 248 -21.41 28.63 20.64
CA PHE C 248 -21.09 29.86 19.91
C PHE C 248 -20.88 31.05 20.84
N LYS C 249 -21.36 30.95 22.08
CA LYS C 249 -21.32 32.06 23.02
C LYS C 249 -21.98 33.29 22.41
N PHE C 250 -23.31 33.24 22.26
CA PHE C 250 -24.07 34.31 21.61
C PHE C 250 -23.82 35.70 22.21
N GLU C 251 -23.69 36.68 21.33
CA GLU C 251 -23.61 38.10 21.71
C GLU C 251 -24.50 38.89 20.76
N ALA C 252 -25.20 39.89 21.28
CA ALA C 252 -26.05 40.73 20.44
C ALA C 252 -25.24 41.27 19.26
N GLY C 253 -25.87 41.32 18.09
CA GLY C 253 -25.23 41.86 16.90
C GLY C 253 -24.64 40.80 15.99
N GLN C 254 -24.38 39.61 16.55
CA GLN C 254 -23.79 38.52 15.78
C GLN C 254 -24.72 38.07 14.68
N LYS C 255 -24.14 37.63 13.56
CA LYS C 255 -24.93 37.14 12.44
C LYS C 255 -24.83 35.63 12.30
N TYR C 256 -25.97 34.97 12.12
CA TYR C 256 -26.00 33.53 11.89
C TYR C 256 -26.94 33.14 10.77
N GLY C 257 -26.73 31.95 10.22
CA GLY C 257 -27.71 31.29 9.38
C GLY C 257 -28.26 30.12 10.17
N ILE C 258 -29.42 29.60 9.78
CA ILE C 258 -30.06 28.51 10.50
C ILE C 258 -30.62 27.46 9.55
N LEU C 259 -30.34 26.19 9.85
CA LEU C 259 -30.88 25.08 9.10
C LEU C 259 -31.57 24.13 10.06
N VAL C 260 -32.87 23.90 9.83
CA VAL C 260 -33.60 22.88 10.56
C VAL C 260 -33.79 21.73 9.60
N ASN C 261 -33.22 20.60 9.95
CA ASN C 261 -33.12 19.46 9.07
C ASN C 261 -33.85 18.24 9.65
N GLY C 262 -34.81 17.70 8.91
CA GLY C 262 -35.55 16.53 9.36
C GLY C 262 -34.79 15.25 9.07
N MET C 263 -35.02 14.21 9.87
CA MET C 263 -34.24 12.98 9.77
C MET C 263 -34.82 11.94 8.81
N GLY C 264 -35.98 12.23 8.21
CA GLY C 264 -36.57 11.34 7.25
C GLY C 264 -38.05 11.05 7.41
N ALA C 265 -38.48 10.77 8.65
CA ALA C 265 -39.87 10.39 8.90
C ALA C 265 -40.61 11.43 9.74
N THR C 266 -40.02 12.61 9.86
CA THR C 266 -40.64 13.71 10.58
C THR C 266 -41.32 14.67 9.59
N PRO C 267 -42.64 14.82 9.70
CA PRO C 267 -43.40 15.67 8.78
C PRO C 267 -42.89 17.12 8.81
N LEU C 268 -43.03 17.81 7.69
CA LEU C 268 -42.62 19.22 7.60
C LEU C 268 -43.34 20.09 8.63
N MET C 269 -44.61 19.81 8.85
CA MET C 269 -45.37 20.52 9.86
C MET C 269 -44.59 20.59 11.17
N GLU C 270 -44.04 19.47 11.60
CA GLU C 270 -43.34 19.43 12.87
C GLU C 270 -42.00 20.18 12.82
N GLN C 271 -41.37 20.22 11.67
CA GLN C 271 -40.12 20.95 11.51
C GLN C 271 -40.38 22.45 11.58
N PHE C 272 -41.51 22.89 11.07
CA PHE C 272 -41.84 24.31 11.12
C PHE C 272 -42.33 24.77 12.49
N ILE C 273 -43.06 23.92 13.18
CA ILE C 273 -43.41 24.16 14.58
C ILE C 273 -42.13 24.29 15.39
N PHE C 274 -41.14 23.47 15.04
CA PHE C 274 -39.88 23.50 15.75
C PHE C 274 -39.13 24.78 15.40
N MET C 275 -39.17 25.16 14.13
CA MET C 275 -38.54 26.39 13.68
C MET C 275 -39.13 27.55 14.45
N ASN C 276 -40.45 27.53 14.59
CA ASN C 276 -41.14 28.58 15.33
C ASN C 276 -40.61 28.72 16.75
N ASP C 277 -40.44 27.60 17.44
CA ASP C 277 -39.92 27.60 18.81
C ASP C 277 -38.50 28.13 18.87
N VAL C 278 -37.69 27.77 17.89
CA VAL C 278 -36.32 28.24 17.81
C VAL C 278 -36.28 29.75 17.71
N ALA C 279 -37.10 30.27 16.79
CA ALA C 279 -37.22 31.70 16.59
C ALA C 279 -37.54 32.40 17.90
N LYS C 280 -38.49 31.87 18.65
CA LYS C 280 -38.84 32.44 19.95
C LYS C 280 -37.65 32.44 20.90
N LEU C 281 -36.97 31.31 21.00
CA LEU C 281 -35.83 31.18 21.90
C LEU C 281 -34.67 32.10 21.53
N LEU C 282 -34.59 32.51 20.26
CA LEU C 282 -33.49 33.34 19.79
C LEU C 282 -33.74 34.84 19.90
N THR C 283 -35.00 35.25 19.91
CA THR C 283 -35.35 36.66 19.96
C THR C 283 -34.68 37.33 21.17
N GLU C 284 -34.55 36.58 22.25
CA GLU C 284 -33.92 37.07 23.48
C GLU C 284 -32.46 37.43 23.23
N GLU C 285 -31.83 36.74 22.29
CA GLU C 285 -30.39 36.88 22.05
C GLU C 285 -30.04 38.11 21.22
N ASN C 286 -31.03 38.67 20.55
CA ASN C 286 -30.79 39.85 19.72
C ASN C 286 -29.64 39.60 18.76
N ILE C 287 -29.66 38.44 18.13
CA ILE C 287 -28.74 38.14 17.05
C ILE C 287 -29.46 38.29 15.72
N GLU C 288 -28.69 38.41 14.65
CA GLU C 288 -29.25 38.65 13.33
C GLU C 288 -29.24 37.36 12.52
N ILE C 289 -30.43 36.84 12.21
CA ILE C 289 -30.56 35.64 11.38
C ILE C 289 -30.79 35.98 9.91
N LEU C 290 -29.74 35.82 9.12
CA LEU C 290 -29.73 36.26 7.73
C LEU C 290 -30.05 35.14 6.74
N PHE C 291 -30.05 33.91 7.23
CA PHE C 291 -30.30 32.76 6.37
C PHE C 291 -31.09 31.70 7.11
N LYS C 292 -32.18 31.25 6.52
CA LYS C 292 -33.03 30.24 7.14
C LYS C 292 -33.37 29.16 6.13
N LYS C 293 -33.48 27.93 6.60
CA LYS C 293 -33.74 26.80 5.71
C LYS C 293 -34.31 25.65 6.50
N VAL C 294 -35.36 25.04 5.97
CA VAL C 294 -36.05 23.94 6.65
C VAL C 294 -36.33 22.80 5.69
N GLY C 295 -36.11 21.56 6.14
CA GLY C 295 -36.42 20.40 5.32
C GLY C 295 -35.52 19.19 5.49
N ASN C 296 -35.74 18.17 4.67
CA ASN C 296 -34.95 16.94 4.73
C ASN C 296 -33.75 17.02 3.81
N TYR C 297 -32.60 17.38 4.37
CA TYR C 297 -31.40 17.59 3.55
C TYR C 297 -30.32 16.54 3.81
N MET C 298 -30.27 16.05 5.04
CA MET C 298 -29.43 14.90 5.39
C MET C 298 -30.16 14.00 6.39
N THR C 299 -30.79 12.96 5.86
CA THR C 299 -31.68 12.14 6.65
C THR C 299 -30.97 10.91 7.19
N SER C 300 -31.74 10.04 7.82
CA SER C 300 -31.22 8.80 8.37
C SER C 300 -32.27 7.73 8.14
N ILE C 301 -32.44 7.37 6.88
CA ILE C 301 -33.46 6.42 6.47
C ILE C 301 -34.86 6.88 6.90
N ASP C 302 -35.44 6.19 7.86
CA ASP C 302 -36.82 6.46 8.30
C ASP C 302 -36.86 6.96 9.74
N MET C 303 -35.73 7.45 10.24
CA MET C 303 -35.66 8.02 11.57
C MET C 303 -36.65 9.18 11.73
N ALA C 304 -37.38 9.16 12.83
CA ALA C 304 -38.15 10.31 13.23
C ALA C 304 -37.22 11.18 14.07
N GLY C 305 -37.09 12.45 13.70
CA GLY C 305 -36.23 13.35 14.43
C GLY C 305 -35.82 14.53 13.58
N LEU C 306 -34.98 15.38 14.14
CA LEU C 306 -34.46 16.52 13.41
C LEU C 306 -33.19 17.04 14.08
N SER C 307 -32.53 17.97 13.41
CA SER C 307 -31.35 18.59 13.97
C SER C 307 -31.37 20.09 13.69
N LEU C 308 -30.63 20.83 14.48
CA LEU C 308 -30.56 22.27 14.34
C LEU C 308 -29.14 22.65 14.03
N THR C 309 -28.94 23.33 12.91
CA THR C 309 -27.61 23.75 12.52
C THR C 309 -27.53 25.26 12.49
N MET C 310 -26.50 25.82 13.10
CA MET C 310 -26.23 27.24 12.94
C MET C 310 -24.84 27.49 12.37
N ILE C 311 -24.77 28.39 11.42
CA ILE C 311 -23.49 28.84 10.90
C ILE C 311 -23.28 30.30 11.25
N LYS C 312 -22.19 30.59 11.95
CA LYS C 312 -21.82 31.96 12.24
C LYS C 312 -21.37 32.60 10.93
N LEU C 313 -22.00 33.72 10.58
CA LEU C 313 -21.69 34.38 9.30
C LEU C 313 -20.63 35.45 9.49
N GLU C 314 -19.38 35.01 9.68
CA GLU C 314 -18.25 35.90 9.88
C GLU C 314 -17.56 36.27 8.58
N ASP C 315 -18.36 36.63 7.58
CA ASP C 315 -17.85 37.04 6.28
C ASP C 315 -19.03 37.15 5.33
N ASP C 316 -19.24 38.34 4.78
CA ASP C 316 -20.35 38.59 3.87
C ASP C 316 -20.36 37.64 2.67
N GLN C 317 -19.19 37.10 2.32
CA GLN C 317 -19.10 36.21 1.18
C GLN C 317 -19.87 34.91 1.43
N TRP C 318 -19.80 34.41 2.66
CA TRP C 318 -20.49 33.16 3.01
C TRP C 318 -22.01 33.22 2.71
N LEU C 319 -22.64 34.34 3.06
CA LEU C 319 -24.06 34.52 2.78
C LEU C 319 -24.29 34.57 1.26
N LYS C 320 -23.47 35.35 0.56
CA LYS C 320 -23.57 35.45 -0.88
C LYS C 320 -23.47 34.06 -1.51
N ASN C 321 -22.59 33.22 -0.95
CA ASN C 321 -22.39 31.88 -1.47
C ASN C 321 -23.55 30.97 -1.14
N LEU C 322 -24.12 31.15 0.05
CA LEU C 322 -25.32 30.40 0.41
C LEU C 322 -26.48 30.71 -0.54
N ASN C 323 -26.49 31.93 -1.09
CA ASN C 323 -27.56 32.38 -1.97
C ASN C 323 -27.18 32.36 -3.45
N GLU C 324 -25.94 31.94 -3.73
CA GLU C 324 -25.45 31.80 -5.10
C GLU C 324 -26.32 30.82 -5.89
N ASP C 325 -26.34 30.98 -7.20
CA ASP C 325 -27.10 30.09 -8.08
C ASP C 325 -26.54 28.67 -8.06
N VAL C 326 -27.43 27.68 -8.09
CA VAL C 326 -27.05 26.27 -8.17
C VAL C 326 -28.11 25.52 -8.94
N LYS C 327 -27.71 24.41 -9.55
CA LYS C 327 -28.63 23.56 -10.28
C LYS C 327 -28.39 22.12 -9.85
N THR C 328 -28.98 21.76 -8.73
CA THR C 328 -28.92 20.41 -8.21
C THR C 328 -30.33 19.86 -8.09
N ILE C 329 -30.43 18.58 -7.76
CA ILE C 329 -31.73 17.95 -7.61
C ILE C 329 -32.45 18.45 -6.37
N SER C 330 -31.69 18.66 -5.30
CA SER C 330 -32.29 18.95 -4.01
C SER C 330 -32.01 20.37 -3.50
N TRP C 331 -31.52 21.23 -4.36
CA TRP C 331 -31.34 22.64 -4.00
C TRP C 331 -31.45 23.54 -5.24
#